data_6MFW
#
_entry.id   6MFW
#
_cell.length_a   66.370
_cell.length_b   133.870
_cell.length_c   162.099
_cell.angle_alpha   90.00
_cell.angle_beta   90.00
_cell.angle_gamma   90.00
#
_symmetry.space_group_name_H-M   'P 21 21 21'
#
loop_
_entity.id
_entity.type
_entity.pdbx_description
1 polymer 'Linear gramicidin synthase subunit A'
2 non-polymer (2~{R})-~{N}-[3-[2-[[(2~{S})-2-formamido-3-methyl-butanoyl]amino]ethylamino]-3-oxidanylidene-propyl]-3,3-dimethyl-2-oxidanyl-4-[oxidanyl-bis(oxidanylidene)-$l^{6}-phosphanyl]oxy-butanamide
3 non-polymer 'N-{[4-({[(6R)-2-amino-5-formyl-4-oxo-1,4,5,6,7,8-hexahydropteridin-6-yl]methyl}amino)phenyl]carbonyl}-L-glutamic acid'
4 non-polymer 'DIPHOSPHOMETHYLPHOSPHONIC ACID ADENOSYL ESTER'
5 non-polymer VALINE
6 non-polymer 'PHOSPHATE ION'
7 non-polymer 'MAGNESIUM ION'
8 water water
#
_entity_poly.entity_id   1
_entity_poly.type   'polypeptide(L)'
_entity_poly.pdbx_seq_one_letter_code
;GAMGRILFLTTFMSKGNKVVRYLESLHHEVVICQEKVHAQSANLQEIDWIVSYAYGYILDKEIVSRFRGRIINLHPSLLP
WNKGRDPVFWSVWDETPKGVTIHLIDEHVDTGDILVQEEIAFADEDTLLDCYNKANQAIEELFIREWENIVHGRIAPYRQ
TAGGTLHFKADRDFYKNLNMTTVRELLALKRLCAEPKRGEKPIDKTFHQLFEQQVEMTPDHVAVVDRGQSLTYKQLNERA
NQLAHHLRGKGVKPDDQVAIMLDKSLDMIVSILAVMKAGGAYVPIDPDYPGERIAYMLADSSAAILLTNALHEEKANGAC
DIIDVHDPDSYSENTNNLPHVNRPDDLVYVMYTSGSTGLAKGVMIEHHNLVNFCEWYRPYFGVTPADKALVYSSFSFDGS
ALDIFTHLLAGAALHIVPSERKYDLDALNDYCNQEGITISYLPTGAAEQFMQMDNQSFRVVITGGDVLKKIERNGTYKLY
NGYGPTECTIMVTMFEVDKPYANIPIGKPIDRTRILILDEALALQPIGVAGELFIVGEGLGRGYLNRPELTAEKFIVHPQ
TGERMYRTGDRARFLPDGNIEFLGRLDNLVKIRGYRIEPGEIEPFLMNHPLIELTTVLAKEQADGRKYLVGYYVAPEEIP
HGELREWLGNDLPDYMIPTYFVHMKAFPLTANGKVDRRALPDVQADAELLGEDYVAPTDELEQQLAQVWSHVLGIPQMGI
DDHFLERGGDSIKVMQLIHQLKNIGLSLRYDQLFTHPTIRQLKRLLTEQKQVSLEPLRELDEQAEYETSAVEKRMYIIQQ
QDVESIAYNVVYTINFPLTVDTEQIRVALEQLVLRHEGLRSTYHMRGDEIVKRIVPRAELSFVRQTGEEESVQSLLAEQI
KPFDLAKAPLLRAGVIETADKKVLWFDSHHILLDGLSKSILARELQALLGQQVLSPVEKTYKSFARWQNEWFASDEYEQQ
IAYWKTLLQGELPAVQLPTKKRPPQLTFDGAIQMYRVNPEITRKLKATAAKHDLTLYMLMLTIVSIWLSKMNSDSNQVIL
GTVTDGRQHPDTRELLGMFVNTLPLLLSIDHEESFLHNLQQVKAKLLPALQNQYVPFDKILEAARVKREGNRHPLFDVMF
MMQGAPETELESNMHHINAGISKFDLTLEVLERENGLNIVFEYNTHLFDEGMILRMVAQFEHLLLQAVHGLDQQVKRFEL
VAAAENLYFQ
;
_entity_poly.pdbx_strand_id   A
#
loop_
_chem_comp.id
_chem_comp.type
_chem_comp.name
_chem_comp.formula
APC non-polymer 'DIPHOSPHOMETHYLPHOSPHONIC ACID ADENOSYL ESTER' 'C11 H18 N5 O12 P3'
FON non-polymer 'N-{[4-({[(6R)-2-amino-5-formyl-4-oxo-1,4,5,6,7,8-hexahydropteridin-6-yl]methyl}amino)phenyl]carbonyl}-L-glutamic acid' 'C20 H23 N7 O7'
JQG non-polymer (2~{R})-~{N}-[3-[2-[[(2~{S})-2-formamido-3-methyl-butanoyl]amino]ethylamino]-3-oxidanylidene-propyl]-3,3-dimethyl-2-oxidanyl-4-[oxidanyl-bis(oxidanylidene)-$l^{6}-phosphanyl]oxy-butanamide 'C17 H32 N4 O9 P'
MG non-polymer 'MAGNESIUM ION' 'Mg 2'
PO4 non-polymer 'PHOSPHATE ION' 'O4 P -3'
#
# COMPACT_ATOMS: atom_id res chain seq x y z
N MET A 3 -52.92 1.46 -15.34
CA MET A 3 -53.75 2.61 -15.72
C MET A 3 -53.16 3.92 -15.17
N GLY A 4 -52.90 4.10 -13.84
CA GLY A 4 -52.41 5.30 -13.22
C GLY A 4 -51.04 5.72 -13.72
N ARG A 5 -50.77 7.03 -13.61
CA ARG A 5 -49.48 7.59 -14.00
C ARG A 5 -48.55 7.60 -12.80
N ILE A 6 -47.36 7.03 -12.97
CA ILE A 6 -46.43 6.82 -11.86
C ILE A 6 -45.24 7.75 -12.03
N LEU A 7 -44.95 8.52 -10.97
CA LEU A 7 -43.73 9.32 -10.91
C LEU A 7 -42.67 8.52 -10.16
N PHE A 8 -41.53 8.28 -10.81
CA PHE A 8 -40.45 7.48 -10.26
C PHE A 8 -39.30 8.40 -9.88
N LEU A 9 -38.93 8.38 -8.59
CA LEU A 9 -37.86 9.21 -8.05
C LEU A 9 -36.70 8.32 -7.64
N THR A 10 -35.46 8.68 -8.00
CA THR A 10 -34.22 7.86 -7.83
C THR A 10 -32.91 8.67 -7.79
N THR A 11 -31.81 8.08 -7.30
CA THR A 11 -30.42 8.59 -7.33
C THR A 11 -30.07 9.01 -8.74
N PHE A 12 -30.41 8.20 -9.74
CA PHE A 12 -30.23 8.48 -11.20
C PHE A 12 -31.33 7.79 -12.02
N MET A 13 -31.63 8.21 -13.26
CA MET A 13 -32.68 7.77 -14.21
C MET A 13 -32.60 6.25 -14.41
N SER A 14 -31.41 5.70 -14.33
CA SER A 14 -31.14 4.26 -14.54
C SER A 14 -31.45 3.45 -13.29
N LYS A 15 -31.56 4.02 -12.09
CA LYS A 15 -31.76 3.26 -10.82
C LYS A 15 -33.07 2.45 -10.88
N GLY A 16 -33.08 1.16 -10.49
CA GLY A 16 -34.31 0.36 -10.41
C GLY A 16 -34.96 0.26 -11.74
N ASN A 17 -34.19 -0.17 -12.69
CA ASN A 17 -34.67 -0.34 -14.05
C ASN A 17 -35.63 -1.51 -14.03
N LYS A 18 -35.41 -2.56 -13.27
CA LYS A 18 -36.38 -3.65 -13.28
C LYS A 18 -37.77 -3.18 -12.84
N VAL A 19 -37.81 -2.36 -11.79
CA VAL A 19 -39.08 -1.84 -11.30
C VAL A 19 -39.77 -1.04 -12.39
N VAL A 20 -39.05 -0.09 -12.99
CA VAL A 20 -39.63 0.73 -14.05
C VAL A 20 -40.11 -0.12 -15.21
N ARG A 21 -39.43 -1.25 -15.47
CA ARG A 21 -39.84 -2.11 -16.57
C ARG A 21 -41.10 -2.89 -16.24
N TYR A 22 -41.25 -3.33 -14.99
CA TYR A 22 -42.47 -4.04 -14.60
C TYR A 22 -43.68 -3.12 -14.62
N LEU A 23 -43.53 -1.91 -14.07
CA LEU A 23 -44.65 -0.97 -14.05
C LEU A 23 -45.16 -0.68 -15.45
N GLU A 24 -44.24 -0.51 -16.41
CA GLU A 24 -44.65 -0.19 -17.77
C GLU A 24 -45.33 -1.38 -18.43
N SER A 25 -44.89 -2.61 -18.13
CA SER A 25 -45.55 -3.78 -18.69
C SER A 25 -47.02 -3.83 -18.30
N LEU A 26 -47.36 -3.28 -17.13
CA LEU A 26 -48.75 -3.16 -16.71
C LEU A 26 -49.44 -1.93 -17.31
N HIS A 27 -48.82 -1.30 -18.31
CA HIS A 27 -49.40 -0.15 -19.00
C HIS A 27 -49.52 1.07 -18.10
N HIS A 28 -48.58 1.21 -17.17
CA HIS A 28 -48.41 2.45 -16.44
C HIS A 28 -47.47 3.37 -17.22
N GLU A 29 -47.72 4.66 -17.15
CA GLU A 29 -46.81 5.66 -17.71
C GLU A 29 -45.85 6.09 -16.61
N VAL A 30 -44.55 5.91 -16.85
CA VAL A 30 -43.53 6.08 -15.81
C VAL A 30 -42.68 7.30 -16.17
N VAL A 31 -42.84 8.37 -15.40
CA VAL A 31 -42.03 9.57 -15.50
C VAL A 31 -40.92 9.46 -14.47
N ILE A 32 -39.67 9.58 -14.91
CA ILE A 32 -38.52 9.42 -14.03
C ILE A 32 -37.92 10.79 -13.72
N CYS A 33 -37.61 11.01 -12.45
CA CYS A 33 -37.05 12.27 -11.98
C CYS A 33 -35.99 11.97 -10.93
N GLN A 34 -34.76 12.40 -11.18
CA GLN A 34 -33.69 12.25 -10.20
C GLN A 34 -33.35 13.55 -9.47
N GLU A 35 -33.73 14.70 -10.03
CA GLU A 35 -33.45 15.98 -9.38
C GLU A 35 -34.58 16.36 -8.43
N LYS A 36 -34.28 17.32 -7.55
CA LYS A 36 -35.24 17.70 -6.52
C LYS A 36 -36.54 18.16 -7.13
N VAL A 37 -37.66 17.70 -6.55
CA VAL A 37 -39.00 18.09 -6.97
C VAL A 37 -39.56 19.07 -5.95
N HIS A 38 -40.29 20.07 -6.42
CA HIS A 38 -40.85 21.10 -5.58
C HIS A 38 -42.37 20.93 -5.48
N ALA A 39 -42.93 21.47 -4.40
CA ALA A 39 -44.37 21.39 -4.18
C ALA A 39 -45.14 21.89 -5.39
N GLN A 40 -44.88 23.14 -5.79
CA GLN A 40 -45.44 23.70 -7.02
C GLN A 40 -44.51 23.35 -8.17
N SER A 41 -44.72 22.17 -8.74
CA SER A 41 -43.91 21.70 -9.85
C SER A 41 -44.81 21.25 -10.99
N ALA A 42 -44.28 21.32 -12.21
CA ALA A 42 -45.01 20.80 -13.37
C ALA A 42 -45.02 19.28 -13.37
N ASN A 43 -43.96 18.69 -12.81
CA ASN A 43 -43.73 17.24 -12.84
C ASN A 43 -44.80 16.48 -12.08
N LEU A 44 -45.52 17.13 -11.16
CA LEU A 44 -46.66 16.55 -10.41
C LEU A 44 -47.92 17.00 -11.13
N GLN A 45 -48.07 16.60 -12.38
CA GLN A 45 -49.19 17.00 -13.22
C GLN A 45 -50.34 16.02 -13.09
N GLU A 46 -50.28 14.92 -13.82
CA GLU A 46 -51.30 13.88 -13.80
C GLU A 46 -50.82 12.66 -13.02
N ILE A 47 -50.17 12.90 -11.89
CA ILE A 47 -49.49 11.85 -11.14
C ILE A 47 -50.48 11.20 -10.19
N ASP A 48 -50.65 9.88 -10.31
CA ASP A 48 -51.48 9.11 -9.40
C ASP A 48 -50.67 8.40 -8.32
N TRP A 49 -49.41 8.08 -8.60
CA TRP A 49 -48.58 7.34 -7.66
C TRP A 49 -47.14 7.84 -7.75
N ILE A 50 -46.54 8.09 -6.59
CA ILE A 50 -45.13 8.43 -6.48
C ILE A 50 -44.41 7.23 -5.87
N VAL A 51 -43.43 6.70 -6.60
CA VAL A 51 -42.59 5.60 -6.12
C VAL A 51 -41.16 6.09 -6.12
N SER A 52 -40.58 6.24 -4.93
CA SER A 52 -39.20 6.68 -4.80
C SER A 52 -38.31 5.48 -4.46
N TYR A 53 -37.05 5.57 -4.90
CA TYR A 53 -36.12 4.45 -4.74
C TYR A 53 -34.70 5.04 -4.78
N ALA A 54 -34.10 5.17 -3.60
CA ALA A 54 -32.80 5.84 -3.45
C ALA A 54 -32.87 7.27 -3.97
N TYR A 55 -33.94 7.97 -3.58
CA TYR A 55 -34.12 9.38 -3.93
C TYR A 55 -33.27 10.23 -2.98
N GLY A 56 -32.54 11.19 -3.56
CA GLY A 56 -31.56 11.95 -2.81
C GLY A 56 -32.07 13.22 -2.17
N TYR A 57 -33.38 13.46 -2.19
CA TYR A 57 -33.92 14.69 -1.63
C TYR A 57 -35.16 14.38 -0.81
N ILE A 58 -35.44 15.23 0.16
CA ILE A 58 -36.63 15.11 0.98
C ILE A 58 -37.78 15.82 0.27
N LEU A 59 -38.96 15.21 0.35
CA LEU A 59 -40.17 15.77 -0.25
C LEU A 59 -40.84 16.72 0.74
N ASP A 60 -41.19 17.91 0.27
CA ASP A 60 -41.77 18.93 1.14
C ASP A 60 -43.04 18.42 1.82
N LYS A 61 -43.39 19.06 2.93
CA LYS A 61 -44.61 18.72 3.65
C LYS A 61 -45.85 18.82 2.78
N GLU A 62 -45.78 19.61 1.72
CA GLU A 62 -46.95 19.84 0.85
C GLU A 62 -47.11 18.65 -0.08
N ILE A 63 -46.02 18.15 -0.66
CA ILE A 63 -46.08 17.00 -1.56
C ILE A 63 -46.60 15.78 -0.81
N VAL A 64 -46.19 15.60 0.42
CA VAL A 64 -46.58 14.39 1.17
C VAL A 64 -48.05 14.48 1.52
N SER A 65 -48.57 15.64 1.88
CA SER A 65 -49.99 15.76 2.22
C SER A 65 -50.88 15.64 0.99
N ARG A 66 -50.40 16.11 -0.17
CA ARG A 66 -51.19 16.01 -1.40
C ARG A 66 -51.31 14.58 -1.88
N PHE A 67 -50.28 13.77 -1.67
CA PHE A 67 -50.24 12.39 -2.17
C PHE A 67 -50.29 11.39 -1.03
N ARG A 68 -50.79 11.79 0.13
CA ARG A 68 -50.86 10.89 1.28
C ARG A 68 -51.52 9.58 0.88
N GLY A 69 -50.85 8.46 1.18
CA GLY A 69 -51.32 7.16 0.80
C GLY A 69 -50.91 6.71 -0.59
N ARG A 70 -50.29 7.59 -1.38
CA ARG A 70 -49.87 7.26 -2.73
C ARG A 70 -48.36 7.40 -2.93
N ILE A 71 -47.60 7.63 -1.86
CA ILE A 71 -46.14 7.74 -1.94
C ILE A 71 -45.54 6.48 -1.36
N ILE A 72 -44.96 5.62 -2.19
CA ILE A 72 -44.33 4.35 -1.81
C ILE A 72 -42.82 4.55 -1.90
N ASN A 73 -42.05 4.02 -0.99
CA ASN A 73 -40.59 4.11 -0.97
C ASN A 73 -39.97 2.74 -0.74
N LEU A 74 -38.89 2.47 -1.47
CA LEU A 74 -38.14 1.22 -1.35
C LEU A 74 -36.86 1.51 -0.57
N HIS A 75 -36.80 1.04 0.68
CA HIS A 75 -35.66 1.28 1.55
C HIS A 75 -34.97 -0.04 1.84
N PRO A 76 -33.68 -0.21 1.51
CA PRO A 76 -33.01 -1.52 1.69
C PRO A 76 -32.48 -1.72 3.10
N SER A 77 -33.38 -1.68 4.08
CA SER A 77 -33.06 -1.99 5.46
C SER A 77 -34.34 -2.49 6.13
N LEU A 78 -34.18 -3.12 7.29
CA LEU A 78 -35.32 -3.58 8.07
C LEU A 78 -35.68 -2.47 9.04
N LEU A 79 -36.48 -1.51 8.57
CA LEU A 79 -36.94 -0.42 9.42
C LEU A 79 -37.60 -0.99 10.67
N PRO A 80 -37.54 -0.29 11.81
CA PRO A 80 -36.97 1.05 11.98
C PRO A 80 -35.44 1.12 12.02
N TRP A 81 -34.76 -0.02 11.83
CA TRP A 81 -33.31 -0.02 11.86
C TRP A 81 -32.74 0.67 10.62
N ASN A 82 -31.67 1.42 10.83
CA ASN A 82 -30.85 1.96 9.74
C ASN A 82 -31.66 2.90 8.86
N LYS A 83 -32.23 3.93 9.49
CA LYS A 83 -32.90 4.99 8.76
C LYS A 83 -31.87 5.93 8.15
N GLY A 84 -32.15 6.39 6.93
CA GLY A 84 -31.31 7.36 6.29
C GLY A 84 -30.27 6.76 5.36
N ARG A 85 -29.12 7.41 5.26
CA ARG A 85 -28.13 7.09 4.26
C ARG A 85 -27.40 5.79 4.61
N ASP A 86 -26.84 5.15 3.57
CA ASP A 86 -26.00 3.96 3.70
C ASP A 86 -26.63 2.91 4.58
N PRO A 87 -27.93 2.62 4.42
CA PRO A 87 -28.59 1.69 5.35
C PRO A 87 -27.97 0.31 5.39
N VAL A 88 -27.53 -0.22 4.24
CA VAL A 88 -26.98 -1.56 4.21
C VAL A 88 -25.65 -1.61 4.96
N PHE A 89 -24.80 -0.60 4.78
CA PHE A 89 -23.51 -0.62 5.46
C PHE A 89 -23.69 -0.64 6.97
N TRP A 90 -24.61 0.17 7.49
CA TRP A 90 -24.80 0.26 8.93
C TRP A 90 -25.45 -1.00 9.49
N SER A 91 -26.26 -1.70 8.70
CA SER A 91 -26.81 -2.97 9.17
C SER A 91 -25.70 -3.96 9.48
N VAL A 92 -24.64 -3.95 8.67
CA VAL A 92 -23.51 -4.83 8.91
C VAL A 92 -22.64 -4.32 10.05
N TRP A 93 -22.22 -3.06 9.98
CA TRP A 93 -21.27 -2.55 10.96
C TRP A 93 -21.89 -2.49 12.36
N ASP A 94 -23.11 -1.97 12.46
CA ASP A 94 -23.80 -1.95 13.75
C ASP A 94 -24.48 -3.28 14.07
N GLU A 95 -24.31 -4.29 13.22
CA GLU A 95 -24.79 -5.64 13.49
C GLU A 95 -26.25 -5.61 13.93
N THR A 96 -27.10 -5.13 13.04
CA THR A 96 -28.53 -5.02 13.25
C THR A 96 -29.28 -6.09 12.48
N PRO A 97 -30.58 -6.24 12.72
CA PRO A 97 -31.39 -7.11 11.84
C PRO A 97 -31.33 -6.60 10.42
N LYS A 98 -31.33 -7.53 9.47
CA LYS A 98 -31.12 -7.21 8.07
C LYS A 98 -32.36 -7.57 7.26
N GLY A 99 -32.68 -6.73 6.29
CA GLY A 99 -33.83 -6.95 5.44
C GLY A 99 -34.09 -5.73 4.58
N VAL A 100 -35.29 -5.71 3.99
CA VAL A 100 -35.70 -4.64 3.08
C VAL A 100 -37.17 -4.32 3.35
N THR A 101 -37.53 -3.06 3.10
CA THR A 101 -38.84 -2.55 3.50
C THR A 101 -39.43 -1.66 2.43
N ILE A 102 -40.68 -1.92 2.08
CA ILE A 102 -41.50 -0.99 1.31
C ILE A 102 -42.43 -0.30 2.29
N HIS A 103 -42.37 1.03 2.33
CA HIS A 103 -43.12 1.78 3.33
C HIS A 103 -43.74 3.02 2.70
N LEU A 104 -44.83 3.47 3.30
CA LEU A 104 -45.38 4.76 2.97
C LEU A 104 -44.43 5.87 3.38
N ILE A 105 -44.49 6.98 2.67
CA ILE A 105 -43.66 8.15 2.95
C ILE A 105 -44.48 9.13 3.75
N ASP A 106 -43.91 9.62 4.86
CA ASP A 106 -44.52 10.69 5.62
C ASP A 106 -43.52 11.84 5.72
N GLU A 107 -43.78 12.78 6.63
CA GLU A 107 -43.03 14.03 6.64
C GLU A 107 -41.54 13.80 6.87
N HIS A 108 -41.18 12.76 7.61
CA HIS A 108 -39.81 12.56 8.07
C HIS A 108 -39.16 11.36 7.39
N VAL A 109 -37.87 11.17 7.66
CA VAL A 109 -37.03 10.30 6.86
C VAL A 109 -37.23 8.85 7.31
N ASP A 110 -37.84 8.04 6.43
CA ASP A 110 -37.95 6.59 6.62
C ASP A 110 -38.74 6.23 7.87
N THR A 111 -39.75 7.04 8.19
CA THR A 111 -40.54 6.85 9.40
C THR A 111 -41.99 6.45 9.14
N GLY A 112 -42.40 6.39 7.88
CA GLY A 112 -43.79 6.09 7.58
C GLY A 112 -44.15 4.64 7.83
N ASP A 113 -45.45 4.38 7.88
CA ASP A 113 -45.95 3.05 8.19
C ASP A 113 -45.50 2.05 7.13
N ILE A 114 -45.24 0.82 7.59
CA ILE A 114 -44.68 -0.23 6.74
C ILE A 114 -45.80 -0.92 5.98
N LEU A 115 -45.51 -1.32 4.75
CA LEU A 115 -46.42 -2.14 3.96
C LEU A 115 -45.93 -3.58 3.87
N VAL A 116 -44.71 -3.79 3.39
CA VAL A 116 -44.14 -5.13 3.31
C VAL A 116 -42.70 -5.09 3.80
N GLN A 117 -42.32 -6.14 4.53
CA GLN A 117 -40.98 -6.26 5.10
C GLN A 117 -40.52 -7.69 4.92
N GLU A 118 -39.26 -7.87 4.56
CA GLU A 118 -38.69 -9.18 4.33
C GLU A 118 -37.27 -9.21 4.88
N GLU A 119 -36.90 -10.35 5.47
CA GLU A 119 -35.55 -10.50 5.99
C GLU A 119 -34.59 -10.87 4.86
N ILE A 120 -33.30 -10.67 5.12
CA ILE A 120 -32.24 -10.95 4.15
C ILE A 120 -30.99 -11.32 4.92
N ALA A 121 -30.16 -12.17 4.31
CA ALA A 121 -28.95 -12.66 4.96
C ALA A 121 -27.75 -12.45 4.05
N PHE A 122 -26.72 -11.80 4.57
CA PHE A 122 -25.44 -11.64 3.88
C PHE A 122 -24.44 -12.64 4.44
N ALA A 123 -23.80 -13.39 3.55
CA ALA A 123 -22.82 -14.39 3.97
C ALA A 123 -21.54 -13.71 4.43
N ASP A 124 -20.83 -14.36 5.36
CA ASP A 124 -19.59 -13.80 5.88
C ASP A 124 -18.57 -13.50 4.80
N GLU A 125 -18.68 -14.18 3.64
CA GLU A 125 -17.70 -14.00 2.57
C GLU A 125 -18.09 -12.93 1.56
N ASP A 126 -19.32 -12.43 1.63
CA ASP A 126 -19.77 -11.42 0.67
C ASP A 126 -19.13 -10.07 0.98
N THR A 127 -18.65 -9.38 -0.05
CA THR A 127 -18.16 -8.03 0.12
C THR A 127 -19.34 -7.07 0.31
N LEU A 128 -19.08 -5.91 0.89
CA LEU A 128 -20.12 -4.90 1.11
C LEU A 128 -20.75 -4.54 -0.23
N LEU A 129 -20.01 -4.51 -1.31
CA LEU A 129 -20.63 -4.26 -2.61
C LEU A 129 -21.60 -5.38 -2.97
N ASP A 130 -21.27 -6.62 -2.60
CA ASP A 130 -22.22 -7.71 -2.77
C ASP A 130 -23.49 -7.46 -1.99
N CYS A 131 -23.35 -7.10 -0.70
CA CYS A 131 -24.52 -6.82 0.12
C CYS A 131 -25.37 -5.71 -0.49
N TYR A 132 -24.73 -4.62 -0.91
CA TYR A 132 -25.49 -3.51 -1.50
C TYR A 132 -26.33 -4.01 -2.67
N ASN A 133 -25.71 -4.81 -3.57
CA ASN A 133 -26.43 -5.31 -4.73
C ASN A 133 -27.46 -6.37 -4.34
N LYS A 134 -27.08 -7.27 -3.42
CA LYS A 134 -28.00 -8.31 -2.99
C LYS A 134 -29.28 -7.73 -2.40
N ALA A 135 -29.14 -6.70 -1.56
CA ALA A 135 -30.32 -6.05 -0.99
C ALA A 135 -31.16 -5.39 -2.06
N ASN A 136 -30.55 -4.50 -2.85
CA ASN A 136 -31.27 -3.83 -3.93
C ASN A 136 -32.02 -4.84 -4.80
N GLN A 137 -31.35 -5.94 -5.15
CA GLN A 137 -32.00 -6.98 -5.93
C GLN A 137 -33.22 -7.53 -5.19
N ALA A 138 -33.12 -7.65 -3.87
CA ALA A 138 -34.22 -8.24 -3.10
C ALA A 138 -35.40 -7.28 -3.00
N ILE A 139 -35.13 -6.00 -2.73
CA ILE A 139 -36.23 -5.05 -2.55
C ILE A 139 -36.92 -4.80 -3.88
N GLU A 140 -36.20 -4.84 -4.99
CA GLU A 140 -36.83 -4.66 -6.30
C GLU A 140 -37.77 -5.82 -6.62
N GLU A 141 -37.34 -7.06 -6.37
CA GLU A 141 -38.21 -8.21 -6.59
C GLU A 141 -39.41 -8.16 -5.66
N LEU A 142 -39.21 -7.77 -4.40
CA LEU A 142 -40.31 -7.69 -3.45
C LEU A 142 -41.38 -6.72 -3.94
N PHE A 143 -40.96 -5.58 -4.47
CA PHE A 143 -41.92 -4.60 -5.00
C PHE A 143 -42.71 -5.21 -6.15
N ILE A 144 -42.05 -5.94 -7.05
CA ILE A 144 -42.72 -6.50 -8.21
C ILE A 144 -43.73 -7.55 -7.79
N ARG A 145 -43.50 -8.23 -6.67
CA ARG A 145 -44.44 -9.26 -6.22
C ARG A 145 -45.66 -8.66 -5.53
N GLU A 146 -45.49 -7.54 -4.82
CA GLU A 146 -46.55 -6.99 -3.98
C GLU A 146 -47.15 -5.70 -4.53
N TRP A 147 -46.73 -5.26 -5.71
CA TRP A 147 -47.28 -4.03 -6.27
C TRP A 147 -48.79 -4.14 -6.47
N GLU A 148 -49.25 -5.25 -7.06
CA GLU A 148 -50.68 -5.45 -7.25
C GLU A 148 -51.43 -5.24 -5.94
N ASN A 149 -50.93 -5.82 -4.86
CA ASN A 149 -51.58 -5.63 -3.56
C ASN A 149 -51.48 -4.18 -3.10
N ILE A 150 -50.42 -3.47 -3.48
CA ILE A 150 -50.25 -2.09 -3.02
C ILE A 150 -51.18 -1.14 -3.77
N VAL A 151 -51.33 -1.29 -5.10
CA VAL A 151 -52.17 -0.32 -5.80
C VAL A 151 -53.63 -0.48 -5.38
N HIS A 152 -54.09 -1.72 -5.20
CA HIS A 152 -55.46 -1.96 -4.80
C HIS A 152 -55.69 -1.79 -3.30
N GLY A 153 -54.70 -1.27 -2.58
CA GLY A 153 -54.88 -0.95 -1.17
C GLY A 153 -55.25 -2.12 -0.29
N ARG A 154 -54.91 -3.34 -0.69
CA ARG A 154 -55.26 -4.51 0.13
C ARG A 154 -54.40 -4.65 1.37
N ILE A 155 -53.19 -4.07 1.37
CA ILE A 155 -52.24 -4.32 2.46
C ILE A 155 -52.53 -3.38 3.61
N ALA A 156 -52.62 -3.93 4.82
CA ALA A 156 -52.84 -3.15 6.03
C ALA A 156 -51.52 -2.60 6.54
N PRO A 157 -51.29 -1.30 6.45
CA PRO A 157 -50.03 -0.74 6.97
C PRO A 157 -49.96 -0.86 8.49
N TYR A 158 -48.76 -1.15 8.99
CA TYR A 158 -48.51 -1.19 10.43
C TYR A 158 -47.40 -0.21 10.77
N ARG A 159 -47.61 0.53 11.86
CA ARG A 159 -46.66 1.58 12.24
C ARG A 159 -45.32 0.96 12.63
N GLN A 160 -44.28 1.78 12.53
CA GLN A 160 -42.95 1.34 12.90
C GLN A 160 -42.80 1.29 14.41
N THR A 161 -42.01 0.32 14.87
CA THR A 161 -41.62 0.30 16.27
C THR A 161 -40.74 1.51 16.59
N ALA A 162 -40.87 2.02 17.81
CA ALA A 162 -39.98 3.08 18.25
C ALA A 162 -38.56 2.54 18.31
N GLY A 163 -37.61 3.38 17.90
CA GLY A 163 -36.21 3.00 17.92
C GLY A 163 -35.58 3.09 16.55
N GLY A 164 -34.42 2.48 16.42
CA GLY A 164 -33.65 2.55 15.20
C GLY A 164 -32.69 3.72 15.19
N THR A 165 -31.82 3.71 14.19
CA THR A 165 -30.74 4.69 14.07
C THR A 165 -30.90 5.46 12.77
N LEU A 166 -30.82 6.78 12.86
CA LEU A 166 -30.81 7.65 11.69
C LEU A 166 -29.36 8.04 11.40
N HIS A 167 -28.88 7.68 10.22
CA HIS A 167 -27.53 8.01 9.80
C HIS A 167 -27.57 9.05 8.69
N PHE A 168 -26.51 9.85 8.62
CA PHE A 168 -26.37 10.93 7.66
C PHE A 168 -25.21 10.63 6.73
N LYS A 169 -25.06 11.48 5.71
CA LYS A 169 -24.01 11.28 4.71
C LYS A 169 -22.64 11.24 5.35
N ALA A 170 -22.36 12.17 6.27
CA ALA A 170 -21.04 12.31 6.85
C ALA A 170 -20.76 11.31 7.96
N ASP A 171 -21.74 10.50 8.37
CA ASP A 171 -21.49 9.46 9.35
C ASP A 171 -20.60 8.36 8.80
N ARG A 172 -20.45 8.29 7.48
CA ARG A 172 -19.69 7.24 6.83
C ARG A 172 -18.25 7.62 6.52
N ASP A 173 -17.89 8.89 6.68
CA ASP A 173 -16.60 9.39 6.22
C ASP A 173 -15.45 8.52 6.71
N PHE A 174 -15.53 8.06 7.95
CA PHE A 174 -14.46 7.26 8.55
C PHE A 174 -14.29 5.92 7.85
N TYR A 175 -15.36 5.38 7.26
CA TYR A 175 -15.36 4.03 6.71
C TYR A 175 -15.37 4.02 5.19
N LYS A 176 -14.92 5.10 4.56
CA LYS A 176 -15.03 5.26 3.12
C LYS A 176 -14.19 4.25 2.34
N ASN A 177 -13.16 3.68 2.96
CA ASN A 177 -12.21 2.81 2.27
C ASN A 177 -12.56 1.33 2.40
N LEU A 178 -13.71 1.01 2.99
CA LEU A 178 -14.00 -0.36 3.41
C LEU A 178 -15.01 -1.06 2.51
N ASN A 179 -15.35 -0.48 1.36
CA ASN A 179 -16.41 -1.04 0.52
C ASN A 179 -16.01 -2.32 -0.19
N MET A 180 -14.72 -2.67 -0.21
CA MET A 180 -14.26 -3.88 -0.87
C MET A 180 -13.94 -5.00 0.12
N THR A 181 -14.21 -4.79 1.41
CA THR A 181 -13.92 -5.81 2.40
C THR A 181 -15.13 -6.74 2.56
N THR A 182 -14.86 -7.93 3.11
CA THR A 182 -15.92 -8.89 3.36
C THR A 182 -16.59 -8.60 4.69
N VAL A 183 -17.74 -9.23 4.91
CA VAL A 183 -18.44 -9.07 6.18
C VAL A 183 -17.57 -9.54 7.33
N ARG A 184 -16.90 -10.69 7.15
CA ARG A 184 -16.02 -11.20 8.19
C ARG A 184 -14.85 -10.24 8.44
N GLU A 185 -14.26 -9.71 7.37
CA GLU A 185 -13.16 -8.77 7.52
C GLU A 185 -13.62 -7.46 8.16
N LEU A 186 -14.81 -6.98 7.78
CA LEU A 186 -15.29 -5.71 8.32
C LEU A 186 -15.54 -5.80 9.82
N LEU A 187 -16.19 -6.87 10.27
CA LEU A 187 -16.40 -7.05 11.71
C LEU A 187 -15.07 -7.21 12.43
N ALA A 188 -14.14 -7.95 11.83
CA ALA A 188 -12.81 -8.11 12.42
C ALA A 188 -12.16 -6.77 12.69
N LEU A 189 -12.22 -5.86 11.71
CA LEU A 189 -11.70 -4.51 11.91
C LEU A 189 -12.44 -3.78 13.02
N LYS A 190 -13.74 -4.04 13.17
CA LYS A 190 -14.51 -3.36 14.20
C LYS A 190 -14.01 -3.72 15.60
N ARG A 191 -13.72 -5.01 15.82
CA ARG A 191 -13.20 -5.44 17.12
C ARG A 191 -11.95 -4.64 17.50
N LEU A 192 -10.97 -4.58 16.61
CA LEU A 192 -9.73 -3.89 16.91
C LEU A 192 -9.94 -2.39 17.09
N CYS A 193 -10.66 -1.78 16.15
CA CYS A 193 -10.70 -0.33 16.02
C CYS A 193 -12.08 0.20 16.40
N ALA A 194 -12.36 0.18 17.70
CA ALA A 194 -13.61 0.71 18.21
C ALA A 194 -13.52 0.80 19.73
N GLU A 195 -14.20 1.80 20.29
CA GLU A 195 -14.09 2.08 21.72
C GLU A 195 -14.97 1.12 22.52
N PRO A 196 -14.47 0.57 23.63
CA PRO A 196 -15.31 -0.29 24.47
C PRO A 196 -16.32 0.53 25.26
N LYS A 197 -17.23 -0.18 25.92
CA LYS A 197 -18.30 0.45 26.69
C LYS A 197 -18.52 -0.28 28.00
N LYS A 201 -12.63 0.66 33.66
CA LYS A 201 -12.36 1.22 34.98
C LYS A 201 -11.16 2.17 34.93
N PRO A 202 -11.36 3.43 35.33
CA PRO A 202 -10.27 4.41 35.21
C PRO A 202 -9.18 4.21 36.26
N ILE A 203 -8.12 4.97 36.11
CA ILE A 203 -6.98 4.95 37.02
C ILE A 203 -7.16 6.03 38.07
N ASP A 204 -7.08 5.65 39.35
CA ASP A 204 -7.36 6.56 40.45
C ASP A 204 -6.22 6.60 41.46
N LYS A 205 -4.98 6.42 41.00
CA LYS A 205 -3.84 6.39 41.90
C LYS A 205 -2.62 6.99 41.23
N THR A 206 -1.73 7.55 42.05
CA THR A 206 -0.46 8.08 41.61
C THR A 206 0.64 7.05 41.88
N PHE A 207 1.76 7.19 41.18
CA PHE A 207 2.81 6.19 41.29
C PHE A 207 3.30 6.04 42.73
N HIS A 208 3.50 7.17 43.43
CA HIS A 208 4.05 7.08 44.78
C HIS A 208 3.01 6.55 45.77
N GLN A 209 1.71 6.70 45.49
CA GLN A 209 0.72 5.97 46.24
C GLN A 209 0.97 4.47 46.13
N LEU A 210 1.10 3.97 44.90
CA LEU A 210 1.33 2.54 44.70
C LEU A 210 2.67 2.11 45.29
N PHE A 211 3.70 2.94 45.13
CA PHE A 211 5.01 2.60 45.69
C PHE A 211 4.92 2.49 47.21
N GLU A 212 4.35 3.51 47.86
CA GLU A 212 4.20 3.48 49.31
C GLU A 212 3.43 2.24 49.75
N GLN A 213 2.41 1.84 48.98
CA GLN A 213 1.69 0.61 49.28
C GLN A 213 2.61 -0.61 49.23
N GLN A 214 3.53 -0.64 48.27
CA GLN A 214 4.41 -1.80 48.13
C GLN A 214 5.40 -1.87 49.28
N VAL A 215 5.78 -0.73 49.85
CA VAL A 215 6.76 -0.74 50.94
C VAL A 215 6.19 -1.44 52.17
N GLU A 216 4.94 -1.14 52.51
CA GLU A 216 4.30 -1.78 53.64
C GLU A 216 4.21 -3.30 53.45
N MET A 217 4.21 -3.76 52.20
CA MET A 217 4.09 -5.20 51.94
C MET A 217 5.44 -5.89 51.99
N THR A 218 6.50 -5.27 51.45
CA THR A 218 7.84 -5.87 51.41
C THR A 218 8.85 -4.84 51.92
N PRO A 219 8.79 -4.51 53.22
CA PRO A 219 9.65 -3.43 53.71
C PRO A 219 11.13 -3.78 53.69
N ASP A 220 11.48 -5.01 54.04
CA ASP A 220 12.88 -5.41 54.19
C ASP A 220 13.46 -6.06 52.94
N HIS A 221 12.74 -6.02 51.83
CA HIS A 221 13.27 -6.51 50.57
C HIS A 221 14.25 -5.50 49.99
N VAL A 222 15.30 -6.00 49.34
CA VAL A 222 16.22 -5.12 48.64
C VAL A 222 15.48 -4.40 47.53
N ALA A 223 15.64 -3.07 47.48
CA ALA A 223 15.02 -2.25 46.45
C ALA A 223 15.99 -1.76 45.41
N VAL A 224 17.18 -1.31 45.81
CA VAL A 224 18.18 -0.77 44.90
C VAL A 224 19.56 -1.24 45.33
N VAL A 225 20.35 -1.68 44.38
CA VAL A 225 21.73 -2.10 44.62
C VAL A 225 22.64 -1.33 43.68
N ASP A 226 23.76 -0.85 44.21
CA ASP A 226 24.81 -0.22 43.40
C ASP A 226 26.14 -0.79 43.87
N ARG A 227 26.72 -1.70 43.07
CA ARG A 227 27.95 -2.38 43.46
C ARG A 227 27.72 -3.09 44.79
N GLY A 228 28.39 -2.67 45.86
CA GLY A 228 28.23 -3.35 47.13
C GLY A 228 27.20 -2.76 48.07
N GLN A 229 26.61 -1.62 47.73
CA GLN A 229 25.68 -0.92 48.61
C GLN A 229 24.24 -1.13 48.14
N SER A 230 23.31 -1.14 49.09
CA SER A 230 21.92 -1.41 48.77
C SER A 230 21.01 -0.79 49.82
N LEU A 231 19.78 -0.51 49.40
CA LEU A 231 18.74 0.01 50.27
C LEU A 231 17.51 -0.88 50.17
N THR A 232 16.86 -1.11 51.31
CA THR A 232 15.60 -1.83 51.31
C THR A 232 14.47 -0.90 50.89
N TYR A 233 13.30 -1.50 50.61
CA TYR A 233 12.14 -0.68 50.29
C TYR A 233 11.84 0.31 51.40
N LYS A 234 11.95 -0.11 52.66
CA LYS A 234 11.72 0.81 53.78
C LYS A 234 12.78 1.90 53.81
N GLN A 235 14.07 1.50 53.80
CA GLN A 235 15.15 2.49 53.83
C GLN A 235 15.01 3.48 52.68
N LEU A 236 14.82 2.99 51.46
CA LEU A 236 14.62 3.87 50.33
C LEU A 236 13.44 4.81 50.55
N ASN A 237 12.34 4.29 51.12
CA ASN A 237 11.16 5.10 51.33
C ASN A 237 11.40 6.18 52.36
N GLU A 238 12.06 5.85 53.47
CA GLU A 238 12.33 6.84 54.51
C GLU A 238 13.21 7.97 53.98
N ARG A 239 14.31 7.64 53.32
CA ARG A 239 15.23 8.67 52.84
C ARG A 239 14.55 9.56 51.81
N ALA A 240 13.76 8.98 50.91
CA ALA A 240 13.03 9.78 49.94
C ALA A 240 12.05 10.73 50.62
N ASN A 241 11.36 10.25 51.67
CA ASN A 241 10.46 11.12 52.41
C ASN A 241 11.22 12.29 53.04
N GLN A 242 12.40 12.03 53.58
CA GLN A 242 13.19 13.10 54.20
C GLN A 242 13.49 14.19 53.19
N LEU A 243 13.95 13.81 51.99
CA LEU A 243 14.20 14.80 50.95
C LEU A 243 12.92 15.45 50.48
N ALA A 244 11.79 14.71 50.49
CA ALA A 244 10.54 15.25 49.97
C ALA A 244 9.96 16.31 50.91
N HIS A 245 10.06 16.09 52.22
CA HIS A 245 9.67 17.12 53.17
C HIS A 245 10.43 18.42 52.91
N HIS A 246 11.74 18.31 52.70
CA HIS A 246 12.55 19.48 52.39
C HIS A 246 12.11 20.11 51.07
N LEU A 247 11.90 19.29 50.03
CA LEU A 247 11.54 19.83 48.73
C LEU A 247 10.18 20.53 48.78
N ARG A 248 9.19 19.90 49.41
CA ARG A 248 7.88 20.54 49.52
C ARG A 248 7.94 21.78 50.40
N GLY A 249 8.89 21.83 51.34
CA GLY A 249 9.11 23.04 52.09
C GLY A 249 9.69 24.16 51.25
N LYS A 250 10.50 23.81 50.25
CA LYS A 250 11.06 24.79 49.34
C LYS A 250 10.04 25.28 48.31
N GLY A 251 8.80 24.82 48.39
CA GLY A 251 7.72 25.34 47.57
C GLY A 251 7.22 24.45 46.45
N VAL A 252 7.68 23.20 46.37
CA VAL A 252 7.29 22.34 45.25
C VAL A 252 5.79 22.09 45.31
N LYS A 253 5.09 22.45 44.25
CA LYS A 253 3.65 22.28 44.13
C LYS A 253 3.31 21.25 43.05
N PRO A 254 2.09 20.73 43.05
CA PRO A 254 1.67 19.86 41.95
C PRO A 254 1.91 20.50 40.59
N ASP A 255 2.39 19.70 39.65
CA ASP A 255 2.76 20.06 38.28
C ASP A 255 4.08 20.84 38.21
N ASP A 256 4.69 21.18 39.33
CA ASP A 256 5.97 21.88 39.28
C ASP A 256 7.07 20.92 38.84
N GLN A 257 7.97 21.43 37.98
CA GLN A 257 9.08 20.63 37.47
C GLN A 257 10.31 20.83 38.34
N VAL A 258 11.01 19.74 38.61
CA VAL A 258 12.24 19.74 39.39
C VAL A 258 13.29 19.01 38.58
N ALA A 259 14.37 19.69 38.24
CA ALA A 259 15.44 19.07 37.48
C ALA A 259 16.26 18.16 38.37
N ILE A 260 16.82 17.12 37.76
CA ILE A 260 17.70 16.19 38.45
C ILE A 260 18.88 15.91 37.55
N MET A 261 20.09 16.17 38.04
CA MET A 261 21.32 15.99 37.28
C MET A 261 22.27 15.15 38.12
N LEU A 262 22.22 13.83 37.91
CA LEU A 262 23.07 12.90 38.66
C LEU A 262 23.42 11.74 37.76
N ASP A 263 24.49 11.05 38.13
CA ASP A 263 24.80 9.77 37.52
C ASP A 263 23.93 8.68 38.13
N LYS A 264 23.78 7.57 37.41
CA LYS A 264 23.08 6.43 37.97
C LYS A 264 23.71 6.05 39.30
N SER A 265 22.88 5.89 40.32
CA SER A 265 23.35 5.71 41.69
C SER A 265 22.14 5.57 42.59
N LEU A 266 22.40 5.18 43.84
CA LEU A 266 21.35 5.19 44.84
C LEU A 266 20.71 6.56 44.95
N ASP A 267 21.53 7.62 44.88
CA ASP A 267 21.00 8.97 45.02
C ASP A 267 20.00 9.31 43.92
N MET A 268 20.19 8.75 42.72
CA MET A 268 19.28 9.06 41.63
C MET A 268 17.88 8.53 41.92
N ILE A 269 17.78 7.31 42.44
CA ILE A 269 16.47 6.71 42.69
C ILE A 269 15.83 7.35 43.91
N VAL A 270 16.63 7.75 44.91
CA VAL A 270 16.09 8.52 46.02
C VAL A 270 15.53 9.84 45.52
N SER A 271 16.27 10.53 44.64
CA SER A 271 15.86 11.85 44.19
C SER A 271 14.57 11.78 43.37
N ILE A 272 14.44 10.77 42.51
CA ILE A 272 13.23 10.64 41.69
C ILE A 272 12.01 10.48 42.59
N LEU A 273 12.07 9.54 43.53
CA LEU A 273 10.93 9.31 44.42
C LEU A 273 10.61 10.53 45.27
N ALA A 274 11.64 11.27 45.68
CA ALA A 274 11.41 12.45 46.53
C ALA A 274 10.66 13.53 45.75
N VAL A 275 10.94 13.67 44.46
CA VAL A 275 10.26 14.69 43.66
C VAL A 275 8.80 14.32 43.47
N MET A 276 8.48 13.02 43.36
CA MET A 276 7.08 12.61 43.24
C MET A 276 6.34 12.84 44.55
N LYS A 277 6.92 12.41 45.66
CA LYS A 277 6.25 12.54 46.96
C LYS A 277 6.00 14.00 47.29
N ALA A 278 6.96 14.88 47.00
CA ALA A 278 6.77 16.30 47.23
C ALA A 278 5.60 16.85 46.42
N GLY A 279 5.31 16.22 45.28
CA GLY A 279 4.19 16.62 44.45
C GLY A 279 4.56 17.03 43.03
N GLY A 280 5.85 17.06 42.67
CA GLY A 280 6.27 17.57 41.39
C GLY A 280 6.57 16.47 40.39
N ALA A 281 6.99 16.91 39.20
CA ALA A 281 7.48 16.05 38.14
C ALA A 281 8.97 16.28 37.95
N TYR A 282 9.73 15.21 37.76
CA TYR A 282 11.17 15.34 37.64
C TYR A 282 11.59 15.43 36.18
N VAL A 283 12.63 16.20 35.94
CA VAL A 283 13.20 16.41 34.62
C VAL A 283 14.62 15.86 34.62
N PRO A 284 14.83 14.67 34.06
CA PRO A 284 16.17 14.05 34.12
C PRO A 284 17.13 14.66 33.12
N ILE A 285 18.29 15.08 33.61
CA ILE A 285 19.33 15.69 32.79
C ILE A 285 20.59 14.85 33.00
N ASP A 286 20.89 13.98 32.04
CA ASP A 286 22.09 13.17 32.08
C ASP A 286 23.33 14.07 32.06
N PRO A 287 24.22 13.99 33.05
CA PRO A 287 25.38 14.89 33.07
C PRO A 287 26.36 14.66 31.94
N ASP A 288 26.28 13.53 31.23
CA ASP A 288 27.16 13.27 30.11
C ASP A 288 26.73 13.97 28.83
N TYR A 289 25.55 14.60 28.82
CA TYR A 289 25.09 15.30 27.63
C TYR A 289 26.04 16.45 27.31
N PRO A 290 26.05 16.89 26.05
CA PRO A 290 26.80 18.11 25.71
C PRO A 290 26.28 19.30 26.51
N GLY A 291 27.17 20.24 26.80
CA GLY A 291 26.79 21.42 27.56
C GLY A 291 25.68 22.21 26.90
N GLU A 292 25.65 22.23 25.56
CA GLU A 292 24.59 22.96 24.86
C GLU A 292 23.22 22.41 25.22
N ARG A 293 23.11 21.08 25.34
CA ARG A 293 21.81 20.46 25.58
C ARG A 293 21.39 20.59 27.03
N ILE A 294 22.33 20.43 27.97
CA ILE A 294 22.01 20.64 29.38
C ILE A 294 21.42 22.02 29.59
N ALA A 295 22.08 23.04 29.05
CA ALA A 295 21.58 24.41 29.20
C ALA A 295 20.23 24.58 28.52
N TYR A 296 20.05 23.95 27.37
CA TYR A 296 18.76 24.02 26.68
C TYR A 296 17.66 23.40 27.52
N MET A 297 17.92 22.21 28.07
CA MET A 297 16.92 21.52 28.88
C MET A 297 16.58 22.33 30.12
N LEU A 298 17.60 22.84 30.81
CA LEU A 298 17.35 23.67 31.99
C LEU A 298 16.63 24.96 31.62
N ALA A 299 16.92 25.53 30.46
CA ALA A 299 16.31 26.78 30.05
C ALA A 299 14.87 26.57 29.59
N ASP A 300 14.64 25.58 28.73
CA ASP A 300 13.28 25.33 28.24
C ASP A 300 12.38 24.83 29.36
N SER A 301 12.94 24.10 30.32
CA SER A 301 12.17 23.65 31.47
C SER A 301 11.94 24.81 32.43
N SER A 302 10.79 24.79 33.10
CA SER A 302 10.45 25.78 34.09
C SER A 302 10.98 25.43 35.48
N ALA A 303 11.87 24.45 35.58
CA ALA A 303 12.32 23.95 36.87
C ALA A 303 13.11 25.03 37.59
N ALA A 304 12.67 25.38 38.80
CA ALA A 304 13.39 26.31 39.65
C ALA A 304 14.42 25.61 40.53
N ILE A 305 14.13 24.39 40.96
CA ILE A 305 15.02 23.61 41.80
C ILE A 305 15.76 22.60 40.95
N LEU A 306 16.98 22.26 41.37
CA LEU A 306 17.80 21.28 40.68
C LEU A 306 18.51 20.44 41.72
N LEU A 307 18.29 19.12 41.66
CA LEU A 307 19.00 18.17 42.51
C LEU A 307 20.22 17.68 41.75
N THR A 308 21.39 17.76 42.39
CA THR A 308 22.63 17.39 41.72
C THR A 308 23.73 17.19 42.75
N ASN A 309 24.91 16.83 42.25
CA ASN A 309 26.10 16.62 43.06
C ASN A 309 26.99 17.85 43.04
N ALA A 310 28.02 17.83 43.90
CA ALA A 310 29.13 18.76 43.74
C ALA A 310 29.85 18.53 42.42
N LEU A 311 29.89 17.28 41.96
CA LEU A 311 30.58 16.96 40.71
C LEU A 311 29.93 17.70 39.53
N HIS A 312 28.61 17.57 39.39
CA HIS A 312 27.89 18.14 38.25
C HIS A 312 27.28 19.50 38.57
N GLU A 313 27.56 20.06 39.75
CA GLU A 313 26.99 21.34 40.14
C GLU A 313 27.32 22.42 39.12
N GLU A 314 28.57 22.47 38.67
CA GLU A 314 29.00 23.54 37.78
C GLU A 314 28.33 23.49 36.42
N LYS A 315 27.88 22.30 35.98
CA LYS A 315 27.28 22.17 34.66
C LYS A 315 25.95 22.92 34.54
N ALA A 316 25.39 23.40 35.65
CA ALA A 316 24.15 24.17 35.61
C ALA A 316 24.37 25.65 35.39
N ASN A 317 25.62 26.13 35.47
CA ASN A 317 25.93 27.55 35.31
C ASN A 317 25.15 28.40 36.32
N GLY A 318 24.99 27.87 37.53
CA GLY A 318 24.28 28.58 38.58
C GLY A 318 22.91 29.05 38.17
N ALA A 319 22.31 28.37 37.20
CA ALA A 319 21.02 28.81 36.66
C ALA A 319 19.88 28.53 37.62
N CYS A 320 19.98 27.45 38.39
CA CYS A 320 18.87 26.99 39.23
C CYS A 320 19.25 27.02 40.70
N ASP A 321 18.23 26.99 41.55
CA ASP A 321 18.42 26.84 42.99
C ASP A 321 18.84 25.39 43.26
N ILE A 322 20.12 25.20 43.53
CA ILE A 322 20.69 23.86 43.65
C ILE A 322 20.41 23.29 45.03
N ILE A 323 20.02 22.02 45.07
CA ILE A 323 19.87 21.25 46.30
C ILE A 323 20.82 20.07 46.21
N ASP A 324 21.83 20.05 47.06
CA ASP A 324 22.87 19.03 47.03
C ASP A 324 22.36 17.76 47.70
N VAL A 325 22.36 16.65 46.95
CA VAL A 325 21.89 15.39 47.50
C VAL A 325 22.88 14.80 48.51
N HIS A 326 24.10 15.31 48.55
CA HIS A 326 25.10 14.88 49.52
C HIS A 326 25.25 15.87 50.68
N ASP A 327 24.37 16.86 50.78
CA ASP A 327 24.39 17.79 51.91
C ASP A 327 23.36 17.35 52.94
N PRO A 328 23.75 17.08 54.18
CA PRO A 328 22.77 16.58 55.16
C PRO A 328 21.59 17.52 55.39
N ASP A 329 21.81 18.83 55.31
CA ASP A 329 20.73 19.78 55.53
C ASP A 329 19.67 19.72 54.43
N SER A 330 19.92 18.97 53.37
CA SER A 330 18.90 18.74 52.33
C SER A 330 17.88 17.69 52.74
N TYR A 331 18.06 17.05 53.90
CA TYR A 331 17.21 15.95 54.34
C TYR A 331 16.57 16.30 55.67
N SER A 332 15.24 16.38 55.68
CA SER A 332 14.50 16.60 56.90
C SER A 332 14.68 15.42 57.86
N GLU A 333 14.29 15.63 59.11
CA GLU A 333 14.29 14.55 60.09
C GLU A 333 13.12 13.61 59.89
N ASN A 334 12.01 14.13 59.35
CA ASN A 334 10.78 13.37 59.26
C ASN A 334 10.90 12.25 58.23
N THR A 335 10.61 11.03 58.66
CA THR A 335 10.68 9.86 57.78
C THR A 335 9.32 9.37 57.32
N ASN A 336 8.24 10.03 57.71
CA ASN A 336 6.90 9.56 57.37
C ASN A 336 6.54 9.95 55.94
N ASN A 337 5.60 9.21 55.36
CA ASN A 337 5.07 9.57 54.06
C ASN A 337 4.41 10.93 54.12
N LEU A 338 4.55 11.71 53.05
CA LEU A 338 3.94 13.03 52.99
C LEU A 338 2.42 12.93 52.85
N PRO A 339 1.69 13.95 53.28
CA PRO A 339 0.27 14.03 52.90
C PRO A 339 0.14 14.13 51.38
N HIS A 340 -0.73 13.30 50.83
CA HIS A 340 -0.87 13.24 49.38
C HIS A 340 -1.63 14.46 48.86
N VAL A 341 -1.06 15.10 47.84
CA VAL A 341 -1.66 16.26 47.23
C VAL A 341 -1.79 16.11 45.72
N ASN A 342 -1.43 14.96 45.16
CA ASN A 342 -1.43 14.75 43.72
C ASN A 342 -2.71 14.06 43.26
N ARG A 343 -3.00 14.23 41.99
CA ARG A 343 -4.09 13.57 41.28
C ARG A 343 -3.51 12.83 40.08
N PRO A 344 -4.09 11.70 39.67
CA PRO A 344 -3.47 10.91 38.61
C PRO A 344 -3.18 11.67 37.32
N ASP A 345 -3.80 12.83 37.14
CA ASP A 345 -3.58 13.64 35.93
C ASP A 345 -2.50 14.69 36.10
N ASP A 346 -1.76 14.67 37.21
CA ASP A 346 -0.62 15.57 37.38
C ASP A 346 0.61 14.99 36.68
N LEU A 347 1.51 15.89 36.29
CA LEU A 347 2.76 15.46 35.64
C LEU A 347 3.58 14.59 36.59
N VAL A 348 4.28 13.61 36.01
CA VAL A 348 5.18 12.77 36.78
C VAL A 348 6.61 12.97 36.29
N TYR A 349 6.78 13.18 34.98
CA TYR A 349 8.11 13.52 34.49
C TYR A 349 8.00 14.21 33.13
N VAL A 350 9.10 14.85 32.74
CA VAL A 350 9.24 15.49 31.44
C VAL A 350 10.54 14.99 30.80
N MET A 351 10.43 14.38 29.64
CA MET A 351 11.58 13.90 28.90
C MET A 351 11.61 14.56 27.53
N TYR A 352 12.82 14.80 27.03
CA TYR A 352 13.02 15.56 25.81
C TYR A 352 13.36 14.65 24.65
N THR A 353 12.78 14.94 23.49
CA THR A 353 13.15 14.24 22.28
C THR A 353 14.53 14.69 21.80
N SER A 354 15.21 13.80 21.09
CA SER A 354 16.49 14.13 20.49
C SER A 354 16.38 15.41 19.68
N GLY A 355 17.40 16.25 19.74
CA GLY A 355 17.43 17.49 19.00
C GLY A 355 18.00 17.34 17.61
N SER A 356 17.62 16.26 16.92
CA SER A 356 18.12 15.98 15.58
C SER A 356 17.16 16.53 14.52
N THR A 357 15.96 15.96 14.44
CA THR A 357 14.94 16.40 13.51
C THR A 357 14.28 17.65 14.08
N GLY A 358 14.92 18.79 13.84
CA GLY A 358 14.44 20.05 14.37
C GLY A 358 14.93 20.25 15.80
N LEU A 359 14.10 20.90 16.60
CA LEU A 359 14.47 21.20 17.98
C LEU A 359 13.96 20.13 18.93
N ALA A 360 14.64 20.04 20.07
CA ALA A 360 14.24 19.10 21.10
C ALA A 360 12.98 19.59 21.79
N LYS A 361 12.01 18.70 21.96
CA LYS A 361 10.73 19.04 22.58
C LYS A 361 10.59 18.28 23.89
N GLY A 362 10.07 18.96 24.90
CA GLY A 362 9.79 18.32 26.16
C GLY A 362 8.47 17.57 26.12
N VAL A 363 8.51 16.28 26.42
CA VAL A 363 7.33 15.43 26.41
C VAL A 363 6.81 15.34 27.85
N MET A 364 5.55 15.72 28.05
CA MET A 364 4.95 15.77 29.37
C MET A 364 4.13 14.50 29.62
N ILE A 365 4.52 13.74 30.64
CA ILE A 365 3.86 12.49 30.99
C ILE A 365 3.20 12.65 32.36
N GLU A 366 1.96 12.15 32.48
CA GLU A 366 1.19 12.26 33.71
C GLU A 366 1.25 10.94 34.49
N HIS A 367 0.81 11.00 35.75
CA HIS A 367 0.86 9.83 36.61
C HIS A 367 0.06 8.67 36.05
N HIS A 368 -1.15 8.94 35.57
CA HIS A 368 -1.99 7.84 35.09
C HIS A 368 -1.39 7.18 33.87
N ASN A 369 -0.62 7.92 33.06
CA ASN A 369 0.10 7.31 31.96
C ASN A 369 1.06 6.24 32.46
N LEU A 370 1.86 6.59 33.47
CA LEU A 370 2.88 5.67 33.98
C LEU A 370 2.25 4.53 34.76
N VAL A 371 1.26 4.83 35.59
CA VAL A 371 0.58 3.79 36.38
C VAL A 371 -0.03 2.75 35.45
N ASN A 372 -0.64 3.18 34.35
CA ASN A 372 -1.22 2.24 33.40
C ASN A 372 -0.18 1.24 32.92
N PHE A 373 0.98 1.73 32.50
CA PHE A 373 2.02 0.85 31.99
C PHE A 373 2.54 -0.10 33.08
N CYS A 374 2.74 0.42 34.29
CA CYS A 374 3.28 -0.41 35.36
C CYS A 374 2.32 -1.53 35.74
N GLU A 375 1.03 -1.23 35.82
CA GLU A 375 0.06 -2.24 36.19
C GLU A 375 -0.14 -3.26 35.08
N TRP A 376 0.06 -2.86 33.83
CA TRP A 376 0.07 -3.83 32.74
C TRP A 376 1.30 -4.70 32.79
N TYR A 377 2.46 -4.09 33.03
CA TYR A 377 3.74 -4.76 32.92
C TYR A 377 3.90 -5.86 33.96
N ARG A 378 3.56 -5.58 35.22
CA ARG A 378 3.84 -6.52 36.29
C ARG A 378 3.16 -7.87 36.07
N PRO A 379 1.86 -7.95 35.72
CA PRO A 379 1.28 -9.28 35.45
C PRO A 379 1.61 -9.84 34.07
N TYR A 380 1.85 -8.97 33.08
CA TYR A 380 2.20 -9.46 31.75
C TYR A 380 3.48 -10.29 31.78
N PHE A 381 4.46 -9.88 32.58
CA PHE A 381 5.73 -10.59 32.69
C PHE A 381 5.86 -11.38 33.98
N GLY A 382 4.83 -11.37 34.83
CA GLY A 382 4.86 -12.14 36.05
C GLY A 382 6.03 -11.77 36.95
N VAL A 383 6.22 -10.48 37.17
CA VAL A 383 7.35 -9.99 37.96
C VAL A 383 7.06 -10.21 39.43
N THR A 384 7.95 -10.91 40.12
CA THR A 384 7.82 -11.21 41.53
C THR A 384 8.90 -10.51 42.34
N PRO A 385 8.75 -10.46 43.67
CA PRO A 385 9.80 -9.83 44.50
C PRO A 385 11.17 -10.46 44.35
N ALA A 386 11.26 -11.68 43.81
CA ALA A 386 12.54 -12.33 43.62
C ALA A 386 13.26 -11.89 42.36
N ASP A 387 12.55 -11.23 41.44
CA ASP A 387 13.18 -10.78 40.21
C ASP A 387 14.18 -9.66 40.49
N LYS A 388 15.16 -9.53 39.59
CA LYS A 388 16.15 -8.48 39.65
C LYS A 388 16.25 -7.82 38.28
N ALA A 389 16.23 -6.49 38.24
CA ALA A 389 16.24 -5.75 36.99
C ALA A 389 17.47 -4.86 36.90
N LEU A 390 17.90 -4.63 35.67
CA LEU A 390 19.00 -3.72 35.37
C LEU A 390 18.48 -2.29 35.19
N VAL A 391 19.18 -1.35 35.79
CA VAL A 391 18.98 0.08 35.46
C VAL A 391 20.06 0.40 34.44
N TYR A 392 19.74 0.12 33.17
CA TYR A 392 20.69 0.23 32.06
C TYR A 392 20.57 1.54 31.30
N SER A 393 19.37 1.89 30.84
CA SER A 393 19.21 3.06 30.00
C SER A 393 19.58 4.34 30.76
N SER A 394 20.04 5.34 30.01
CA SER A 394 20.18 6.67 30.58
C SER A 394 18.84 7.12 31.15
N PHE A 395 18.88 7.79 32.29
CA PHE A 395 17.65 8.19 32.95
C PHE A 395 17.00 9.41 32.30
N SER A 396 17.52 9.86 31.15
CA SER A 396 16.88 10.86 30.33
C SER A 396 15.97 10.27 29.25
N PHE A 397 15.93 8.94 29.10
CA PHE A 397 15.05 8.28 28.15
C PHE A 397 14.07 7.40 28.90
N ASP A 398 12.86 7.25 28.32
CA ASP A 398 11.82 6.54 29.05
C ASP A 398 12.09 5.05 29.16
N GLY A 399 13.04 4.50 28.40
CA GLY A 399 13.52 3.17 28.69
C GLY A 399 13.96 3.03 30.12
N SER A 400 14.40 4.14 30.74
CA SER A 400 14.77 4.12 32.14
C SER A 400 13.53 4.04 33.03
N ALA A 401 12.50 4.81 32.71
CA ALA A 401 11.25 4.71 33.48
C ALA A 401 10.77 3.27 33.56
N LEU A 402 10.96 2.51 32.47
CA LEU A 402 10.65 1.09 32.50
C LEU A 402 11.52 0.36 33.52
N ASP A 403 12.83 0.63 33.50
CA ASP A 403 13.74 -0.08 34.40
C ASP A 403 13.38 0.16 35.86
N ILE A 404 13.07 1.40 36.21
CA ILE A 404 12.93 1.81 37.61
C ILE A 404 11.52 1.54 38.11
N PHE A 405 10.52 2.10 37.42
CA PHE A 405 9.18 2.19 38.00
C PHE A 405 8.43 0.86 37.95
N THR A 406 8.50 0.15 36.83
CA THR A 406 7.76 -1.10 36.72
C THR A 406 8.17 -2.07 37.83
N HIS A 407 9.47 -2.22 38.05
CA HIS A 407 9.98 -3.23 38.98
C HIS A 407 9.87 -2.81 40.43
N LEU A 408 9.81 -1.50 40.72
CA LEU A 408 9.66 -1.06 42.10
C LEU A 408 8.26 -1.37 42.62
N LEU A 409 7.24 -1.27 41.76
CA LEU A 409 5.89 -1.64 42.15
C LEU A 409 5.68 -3.15 42.18
N ALA A 410 6.70 -3.93 41.83
CA ALA A 410 6.62 -5.39 41.90
C ALA A 410 7.41 -5.96 43.07
N GLY A 411 8.08 -5.12 43.86
CA GLY A 411 8.90 -5.61 44.95
C GLY A 411 10.24 -6.17 44.54
N ALA A 412 10.61 -6.04 43.26
CA ALA A 412 11.87 -6.57 42.77
C ALA A 412 13.02 -5.64 43.16
N ALA A 413 14.24 -6.05 42.82
CA ALA A 413 15.46 -5.32 43.19
C ALA A 413 16.06 -4.69 41.94
N LEU A 414 16.32 -3.38 42.02
CA LEU A 414 17.00 -2.66 40.95
C LEU A 414 18.51 -2.76 41.12
N HIS A 415 19.21 -2.95 40.01
CA HIS A 415 20.66 -3.05 40.01
C HIS A 415 21.23 -1.97 39.10
N ILE A 416 21.89 -0.97 39.70
CA ILE A 416 22.58 0.04 38.92
C ILE A 416 23.69 -0.64 38.13
N VAL A 417 23.66 -0.51 36.81
CA VAL A 417 24.74 -1.08 35.99
C VAL A 417 26.00 -0.26 36.20
N PRO A 418 27.15 -0.89 36.49
CA PRO A 418 28.40 -0.12 36.53
C PRO A 418 28.69 0.53 35.19
N SER A 419 29.16 1.78 35.25
CA SER A 419 29.54 2.49 34.03
C SER A 419 30.55 1.68 33.23
N GLU A 420 31.51 1.07 33.92
CA GLU A 420 32.58 0.33 33.28
C GLU A 420 32.10 -0.96 32.64
N ARG A 421 30.89 -1.41 32.96
CA ARG A 421 30.35 -2.65 32.43
C ARG A 421 29.18 -2.43 31.46
N LYS A 422 28.82 -1.17 31.20
CA LYS A 422 27.67 -0.90 30.33
C LYS A 422 28.00 -1.19 28.87
N TYR A 423 29.08 -0.62 28.39
CA TYR A 423 29.49 -0.75 26.98
C TYR A 423 30.28 -2.02 26.76
N ASP A 424 30.75 -2.67 27.81
CA ASP A 424 31.45 -3.95 27.73
C ASP A 424 30.44 -5.04 28.05
N LEU A 425 29.82 -5.60 27.03
CA LEU A 425 28.76 -6.59 27.19
C LEU A 425 29.31 -7.89 27.77
N ASP A 426 30.55 -8.30 27.49
CA ASP A 426 31.13 -9.45 28.17
C ASP A 426 31.11 -9.25 29.68
N ALA A 427 31.49 -8.05 30.14
CA ALA A 427 31.47 -7.75 31.57
C ALA A 427 30.04 -7.67 32.10
N LEU A 428 29.15 -6.99 31.37
CA LEU A 428 27.76 -6.92 31.78
C LEU A 428 27.17 -8.31 31.93
N ASN A 429 27.43 -9.19 30.96
CA ASN A 429 26.92 -10.56 31.05
C ASN A 429 27.45 -11.25 32.30
N ASP A 430 28.71 -10.99 32.67
CA ASP A 430 29.26 -11.58 33.88
C ASP A 430 28.55 -11.05 35.11
N TYR A 431 28.33 -9.74 35.18
CA TYR A 431 27.60 -9.17 36.31
C TYR A 431 26.21 -9.77 36.42
N CYS A 432 25.53 -9.97 35.28
CA CYS A 432 24.19 -10.53 35.30
C CYS A 432 24.19 -11.98 35.77
N ASN A 433 25.16 -12.77 35.33
CA ASN A 433 25.26 -14.16 35.80
C ASN A 433 25.66 -14.22 37.26
N GLN A 434 26.46 -13.27 37.73
CA GLN A 434 26.94 -13.28 39.11
C GLN A 434 25.82 -12.92 40.09
N GLU A 435 25.03 -11.90 39.77
CA GLU A 435 23.99 -11.41 40.66
C GLU A 435 22.62 -12.04 40.41
N GLY A 436 22.47 -12.83 39.36
CA GLY A 436 21.19 -13.44 39.05
C GLY A 436 20.16 -12.44 38.56
N ILE A 437 20.50 -11.68 37.52
CA ILE A 437 19.58 -10.70 36.95
C ILE A 437 18.60 -11.43 36.05
N THR A 438 17.30 -11.25 36.31
CA THR A 438 16.28 -12.09 35.68
C THR A 438 15.51 -11.41 34.57
N ILE A 439 15.40 -10.08 34.55
CA ILE A 439 14.63 -9.39 33.51
C ILE A 439 15.08 -7.94 33.45
N SER A 440 15.22 -7.44 32.23
CA SER A 440 15.49 -6.02 32.03
C SER A 440 15.22 -5.67 30.58
N TYR A 441 15.16 -4.37 30.32
CA TYR A 441 14.98 -3.82 28.99
C TYR A 441 16.33 -3.39 28.43
N LEU A 442 16.52 -3.62 27.13
CA LEU A 442 17.74 -3.21 26.44
C LEU A 442 17.32 -2.60 25.11
N PRO A 443 17.87 -1.44 24.73
CA PRO A 443 17.59 -0.92 23.40
C PRO A 443 18.07 -1.90 22.33
N THR A 444 17.41 -1.85 21.18
CA THR A 444 17.62 -2.87 20.14
C THR A 444 19.10 -3.05 19.83
N GLY A 445 19.82 -1.96 19.63
CA GLY A 445 21.24 -2.05 19.36
C GLY A 445 21.97 -2.90 20.38
N ALA A 446 21.82 -2.54 21.66
CA ALA A 446 22.48 -3.30 22.72
C ALA A 446 21.92 -4.71 22.81
N ALA A 447 20.61 -4.88 22.63
CA ALA A 447 20.01 -6.20 22.69
C ALA A 447 20.67 -7.15 21.69
N GLU A 448 20.80 -6.71 20.43
CA GLU A 448 21.35 -7.59 19.41
C GLU A 448 22.79 -8.00 19.74
N GLN A 449 23.56 -7.10 20.34
CA GLN A 449 24.93 -7.45 20.72
C GLN A 449 24.94 -8.43 21.89
N PHE A 450 24.07 -8.22 22.88
CA PHE A 450 24.04 -9.09 24.06
C PHE A 450 23.64 -10.53 23.71
N MET A 451 22.96 -10.74 22.57
CA MET A 451 22.53 -12.09 22.21
C MET A 451 23.71 -13.01 21.93
N GLN A 452 24.88 -12.46 21.64
CA GLN A 452 26.07 -13.28 21.44
C GLN A 452 26.60 -13.82 22.76
N MET A 453 26.41 -13.07 23.84
CA MET A 453 26.93 -13.51 25.14
C MET A 453 26.21 -14.75 25.62
N ASP A 454 26.96 -15.65 26.25
CA ASP A 454 26.40 -16.86 26.84
C ASP A 454 25.84 -16.50 28.21
N ASN A 455 24.53 -16.25 28.27
CA ASN A 455 23.86 -15.83 29.49
C ASN A 455 23.03 -16.97 30.06
N GLN A 456 23.04 -17.10 31.39
CA GLN A 456 22.23 -18.09 32.08
C GLN A 456 21.25 -17.50 33.08
N SER A 457 21.33 -16.19 33.34
CA SER A 457 20.54 -15.57 34.40
C SER A 457 19.20 -15.04 33.93
N PHE A 458 19.13 -14.56 32.69
CA PHE A 458 17.92 -13.86 32.25
C PHE A 458 16.78 -14.83 32.02
N ARG A 459 15.60 -14.40 32.43
CA ARG A 459 14.32 -15.05 32.16
C ARG A 459 13.58 -14.35 31.04
N VAL A 460 13.62 -13.03 31.02
CA VAL A 460 12.94 -12.22 30.02
C VAL A 460 13.87 -11.08 29.61
N VAL A 461 13.99 -10.83 28.31
CA VAL A 461 14.72 -9.68 27.79
C VAL A 461 13.77 -8.92 26.88
N ILE A 462 13.48 -7.67 27.22
CA ILE A 462 12.62 -6.81 26.43
C ILE A 462 13.51 -5.87 25.62
N THR A 463 13.19 -5.72 24.34
CA THR A 463 13.92 -4.80 23.49
C THR A 463 12.93 -3.90 22.75
N GLY A 464 13.48 -2.84 22.17
CA GLY A 464 12.67 -1.89 21.44
C GLY A 464 13.47 -0.65 21.12
N GLY A 465 12.82 0.27 20.41
CA GLY A 465 13.41 1.49 19.94
C GLY A 465 13.73 1.48 18.46
N ASP A 466 14.08 0.32 17.91
CA ASP A 466 14.49 0.23 16.52
C ASP A 466 14.07 -1.14 15.99
N VAL A 467 14.24 -1.33 14.68
CA VAL A 467 13.83 -2.57 14.05
C VAL A 467 14.70 -3.71 14.55
N LEU A 468 14.05 -4.76 15.06
CA LEU A 468 14.76 -5.95 15.52
C LEU A 468 15.07 -6.84 14.33
N LYS A 469 16.36 -7.12 14.11
CA LYS A 469 16.81 -7.87 12.95
C LYS A 469 17.58 -9.14 13.28
N LYS A 470 17.70 -9.50 14.56
CA LYS A 470 18.40 -10.71 14.96
C LYS A 470 17.70 -11.29 16.19
N ILE A 471 17.52 -12.60 16.21
CA ILE A 471 16.91 -13.27 17.33
C ILE A 471 17.68 -14.48 17.80
N GLU A 472 18.63 -14.98 17.02
CA GLU A 472 19.46 -16.09 17.44
C GLU A 472 20.35 -15.64 18.59
N ARG A 473 20.28 -16.37 19.70
CA ARG A 473 20.93 -15.93 20.92
C ARG A 473 21.37 -17.13 21.75
N ASN A 474 22.38 -16.90 22.58
CA ASN A 474 22.90 -17.93 23.48
C ASN A 474 22.31 -17.67 24.87
N GLY A 475 21.07 -18.10 25.05
CA GLY A 475 20.38 -17.93 26.30
C GLY A 475 19.04 -18.62 26.29
N THR A 476 18.55 -19.00 27.45
CA THR A 476 17.27 -19.69 27.58
C THR A 476 16.11 -18.73 27.75
N TYR A 477 16.34 -17.43 27.62
CA TYR A 477 15.33 -16.44 27.98
C TYR A 477 14.42 -16.13 26.81
N LYS A 478 13.22 -15.64 27.16
CA LYS A 478 12.25 -15.22 26.15
C LYS A 478 12.59 -13.83 25.66
N LEU A 479 12.40 -13.61 24.36
CA LEU A 479 12.71 -12.34 23.71
C LEU A 479 11.40 -11.64 23.36
N TYR A 480 11.32 -10.35 23.72
CA TYR A 480 10.13 -9.55 23.47
C TYR A 480 10.50 -8.29 22.70
N ASN A 481 9.63 -7.92 21.75
CA ASN A 481 9.82 -6.73 20.92
C ASN A 481 8.71 -5.75 21.24
N GLY A 482 9.06 -4.66 21.91
CA GLY A 482 8.10 -3.62 22.29
C GLY A 482 8.31 -2.38 21.46
N TYR A 483 7.23 -1.65 21.21
CA TYR A 483 7.22 -0.48 20.36
C TYR A 483 6.45 0.65 21.04
N GLY A 484 6.94 1.88 20.89
CA GLY A 484 6.18 3.04 21.30
C GLY A 484 6.97 4.32 21.23
N PRO A 485 6.29 5.43 20.94
CA PRO A 485 6.94 6.75 21.03
C PRO A 485 7.01 7.26 22.46
N THR A 486 7.98 8.15 22.68
CA THR A 486 8.08 8.81 23.98
C THR A 486 6.79 9.52 24.34
N GLU A 487 6.06 9.99 23.33
CA GLU A 487 4.83 10.75 23.55
C GLU A 487 3.70 9.90 24.13
N CYS A 488 3.87 8.58 24.24
CA CYS A 488 2.81 7.70 24.72
C CYS A 488 3.30 6.74 25.80
N THR A 489 4.30 7.16 26.57
CA THR A 489 4.75 6.42 27.74
C THR A 489 5.38 5.08 27.39
N ILE A 490 6.68 5.11 27.08
CA ILE A 490 7.51 3.91 27.03
C ILE A 490 7.10 3.00 25.88
N MET A 491 5.96 2.30 26.02
CA MET A 491 5.57 1.31 25.02
C MET A 491 4.06 1.19 24.96
N VAL A 492 3.54 0.98 23.75
CA VAL A 492 2.11 0.75 23.57
C VAL A 492 1.78 -0.64 23.01
N THR A 493 2.71 -1.31 22.33
CA THR A 493 2.50 -2.67 21.87
C THR A 493 3.62 -3.57 22.38
N MET A 494 3.33 -4.86 22.45
CA MET A 494 4.29 -5.85 22.93
C MET A 494 4.12 -7.14 22.16
N PHE A 495 5.24 -7.79 21.83
CA PHE A 495 5.24 -9.02 21.05
C PHE A 495 6.28 -9.98 21.60
N GLU A 496 5.91 -11.25 21.74
CA GLU A 496 6.85 -12.30 22.10
C GLU A 496 7.42 -12.90 20.81
N VAL A 497 8.75 -12.94 20.72
CA VAL A 497 9.43 -13.43 19.52
C VAL A 497 9.57 -14.94 19.67
N ASP A 498 8.64 -15.68 19.06
CA ASP A 498 8.58 -17.13 19.20
C ASP A 498 9.31 -17.88 18.10
N LYS A 499 9.53 -17.24 16.95
CA LYS A 499 10.13 -17.92 15.81
C LYS A 499 10.69 -16.85 14.87
N PRO A 500 11.46 -17.24 13.86
CA PRO A 500 11.98 -16.26 12.92
C PRO A 500 10.88 -15.62 12.10
N TYR A 501 11.11 -14.37 11.71
CA TYR A 501 10.22 -13.62 10.83
C TYR A 501 11.05 -12.79 9.87
N ALA A 502 10.51 -12.59 8.66
CA ALA A 502 11.11 -11.60 7.77
C ALA A 502 10.94 -10.20 8.33
N ASN A 503 9.78 -9.92 8.93
CA ASN A 503 9.49 -8.65 9.59
C ASN A 503 8.90 -9.00 10.95
N ILE A 504 9.69 -8.91 12.01
CA ILE A 504 9.24 -9.29 13.35
C ILE A 504 8.16 -8.33 13.80
N PRO A 505 6.93 -8.79 14.02
CA PRO A 505 5.85 -7.88 14.42
C PRO A 505 6.18 -7.14 15.71
N ILE A 506 5.54 -5.97 15.87
CA ILE A 506 5.61 -5.23 17.11
C ILE A 506 4.49 -5.58 18.08
N GLY A 507 3.56 -6.44 17.66
CA GLY A 507 2.64 -7.06 18.59
C GLY A 507 1.28 -6.42 18.73
N LYS A 508 0.67 -6.58 19.89
CA LYS A 508 -0.68 -6.11 20.16
C LYS A 508 -0.67 -5.07 21.28
N PRO A 509 -1.68 -4.20 21.33
CA PRO A 509 -1.65 -3.09 22.29
C PRO A 509 -1.68 -3.56 23.74
N ILE A 510 -1.14 -2.71 24.61
CA ILE A 510 -1.16 -2.95 26.06
C ILE A 510 -2.51 -2.51 26.62
N ASP A 511 -2.66 -2.59 27.95
CA ASP A 511 -3.91 -2.25 28.59
C ASP A 511 -4.38 -0.85 28.21
N ARG A 512 -5.69 -0.70 28.05
CA ARG A 512 -6.34 0.60 27.84
C ARG A 512 -5.73 1.36 26.67
N THR A 513 -5.32 0.63 25.64
CA THR A 513 -4.71 1.22 24.46
C THR A 513 -5.29 0.57 23.20
N ARG A 514 -5.49 1.38 22.17
CA ARG A 514 -5.90 0.89 20.86
C ARG A 514 -5.02 1.52 19.80
N ILE A 515 -4.84 0.80 18.70
CA ILE A 515 -4.04 1.25 17.57
C ILE A 515 -4.92 1.29 16.33
N LEU A 516 -4.83 2.39 15.59
CA LEU A 516 -5.59 2.58 14.36
C LEU A 516 -4.63 2.79 13.21
N ILE A 517 -4.96 2.20 12.06
CA ILE A 517 -4.22 2.39 10.83
C ILE A 517 -5.10 3.23 9.91
N LEU A 518 -4.68 4.46 9.66
CA LEU A 518 -5.46 5.42 8.89
C LEU A 518 -4.71 5.82 7.64
N ASP A 519 -5.47 6.28 6.64
CA ASP A 519 -4.87 6.86 5.45
C ASP A 519 -4.62 8.35 5.70
N GLU A 520 -4.16 9.05 4.66
CA GLU A 520 -3.83 10.46 4.83
C GLU A 520 -5.06 11.29 5.21
N ALA A 521 -6.25 10.86 4.79
CA ALA A 521 -7.49 11.54 5.15
C ALA A 521 -7.99 11.16 6.54
N LEU A 522 -7.22 10.40 7.31
CA LEU A 522 -7.60 9.96 8.65
C LEU A 522 -8.79 8.99 8.64
N ALA A 523 -8.93 8.22 7.56
CA ALA A 523 -9.98 7.23 7.44
C ALA A 523 -9.40 5.83 7.61
N LEU A 524 -10.21 4.94 8.20
CA LEU A 524 -9.77 3.60 8.50
C LEU A 524 -9.24 2.89 7.25
N GLN A 525 -8.16 2.14 7.43
CA GLN A 525 -7.67 1.23 6.41
C GLN A 525 -8.18 -0.18 6.69
N PRO A 526 -8.50 -0.96 5.67
CA PRO A 526 -8.83 -2.37 5.91
C PRO A 526 -7.67 -3.11 6.55
N ILE A 527 -8.00 -4.18 7.27
CA ILE A 527 -6.96 -5.03 7.84
C ILE A 527 -6.05 -5.51 6.72
N GLY A 528 -4.74 -5.40 6.95
CA GLY A 528 -3.76 -5.81 5.96
C GLY A 528 -3.33 -4.74 5.00
N VAL A 529 -3.91 -3.54 5.08
CA VAL A 529 -3.52 -2.41 4.25
C VAL A 529 -2.68 -1.46 5.09
N ALA A 530 -1.60 -0.96 4.51
CA ALA A 530 -0.67 -0.11 5.25
C ALA A 530 -1.20 1.31 5.34
N GLY A 531 -0.97 1.92 6.50
CA GLY A 531 -1.32 3.31 6.71
C GLY A 531 -0.48 3.90 7.82
N GLU A 532 -0.85 5.11 8.23
CA GLU A 532 -0.17 5.76 9.34
C GLU A 532 -0.70 5.24 10.67
N LEU A 533 0.21 4.95 11.58
CA LEU A 533 -0.14 4.37 12.87
C LEU A 533 -0.56 5.48 13.83
N PHE A 534 -1.77 5.36 14.37
CA PHE A 534 -2.31 6.30 15.35
C PHE A 534 -2.53 5.56 16.66
N ILE A 535 -2.20 6.21 17.76
CA ILE A 535 -2.31 5.62 19.09
C ILE A 535 -3.43 6.32 19.84
N VAL A 536 -4.21 5.53 20.57
CA VAL A 536 -5.34 6.03 21.35
C VAL A 536 -5.33 5.32 22.69
N GLY A 537 -5.62 6.06 23.76
CA GLY A 537 -5.87 5.44 25.04
C GLY A 537 -5.09 6.11 26.16
N GLU A 538 -4.87 5.34 27.21
CA GLU A 538 -4.33 5.82 28.48
C GLU A 538 -2.84 6.12 28.42
N GLY A 539 -2.18 5.90 27.29
CA GLY A 539 -0.76 6.14 27.18
C GLY A 539 -0.41 7.56 26.77
N LEU A 540 -1.27 8.19 25.98
CA LEU A 540 -0.97 9.52 25.46
C LEU A 540 -0.67 10.49 26.59
N GLY A 541 0.46 11.16 26.49
CA GLY A 541 0.85 12.16 27.44
C GLY A 541 0.06 13.45 27.25
N ARG A 542 0.33 14.41 28.13
CA ARG A 542 -0.36 15.70 28.07
C ARG A 542 -0.05 16.43 26.77
N GLY A 543 1.20 16.43 26.34
CA GLY A 543 1.58 17.06 25.10
C GLY A 543 3.04 17.48 25.14
N TYR A 544 3.34 18.55 24.39
CA TYR A 544 4.68 19.10 24.34
C TYR A 544 4.77 20.35 25.19
N LEU A 545 5.85 20.47 25.96
CA LEU A 545 6.01 21.57 26.90
C LEU A 545 6.19 22.88 26.15
N ASN A 546 5.34 23.86 26.43
CA ASN A 546 5.44 25.22 25.91
C ASN A 546 5.33 25.26 24.39
N ARG A 547 4.72 24.25 23.77
CA ARG A 547 4.51 24.21 22.32
C ARG A 547 3.12 23.69 22.06
N PRO A 548 2.09 24.52 22.31
CA PRO A 548 0.70 24.05 22.22
C PRO A 548 0.21 23.88 20.79
N GLU A 549 0.73 24.69 19.87
CA GLU A 549 0.37 24.51 18.47
C GLU A 549 0.79 23.15 17.97
N LEU A 550 2.06 22.79 18.20
CA LEU A 550 2.55 21.48 17.78
C LEU A 550 1.83 20.34 18.49
N THR A 551 1.38 20.58 19.73
CA THR A 551 0.63 19.56 20.46
C THR A 551 -0.71 19.28 19.78
N ALA A 552 -1.43 20.34 19.41
CA ALA A 552 -2.70 20.17 18.71
C ALA A 552 -2.51 19.54 17.34
N GLU A 553 -1.31 19.65 16.77
CA GLU A 553 -1.04 19.11 15.45
C GLU A 553 -0.72 17.62 15.48
N LYS A 554 -0.12 17.15 16.58
CA LYS A 554 0.23 15.74 16.71
C LYS A 554 -0.67 14.97 17.67
N PHE A 555 -1.26 15.66 18.65
CA PHE A 555 -2.32 15.08 19.48
C PHE A 555 -3.64 15.63 18.94
N ILE A 556 -4.15 15.00 17.89
CA ILE A 556 -5.32 15.49 17.20
C ILE A 556 -6.57 14.95 17.87
N VAL A 557 -7.65 15.71 17.77
CA VAL A 557 -8.99 15.21 18.04
C VAL A 557 -9.58 14.81 16.70
N HIS A 558 -9.75 13.51 16.48
CA HIS A 558 -10.18 13.02 15.18
C HIS A 558 -11.48 13.71 14.77
N PRO A 559 -11.56 14.24 13.55
CA PRO A 559 -12.75 15.02 13.19
C PRO A 559 -14.05 14.22 13.17
N GLN A 560 -13.98 12.90 12.96
CA GLN A 560 -15.18 12.07 12.95
C GLN A 560 -15.42 11.41 14.31
N THR A 561 -14.44 10.65 14.81
CA THR A 561 -14.63 9.90 16.05
C THR A 561 -14.61 10.79 17.28
N GLY A 562 -13.95 11.95 17.21
CA GLY A 562 -13.84 12.82 18.36
C GLY A 562 -12.89 12.35 19.44
N GLU A 563 -12.21 11.22 19.24
CA GLU A 563 -11.25 10.73 20.21
C GLU A 563 -9.89 11.39 20.00
N ARG A 564 -9.16 11.57 21.10
CA ARG A 564 -7.81 12.12 21.02
C ARG A 564 -6.84 11.00 20.67
N MET A 565 -6.07 11.21 19.60
CA MET A 565 -5.09 10.24 19.13
C MET A 565 -3.77 10.97 18.89
N TYR A 566 -2.72 10.18 18.69
CA TYR A 566 -1.38 10.71 18.45
C TYR A 566 -0.89 10.27 17.07
N ARG A 567 -0.41 11.25 16.29
CA ARG A 567 0.24 10.98 15.01
C ARG A 567 1.68 10.54 15.28
N THR A 568 1.99 9.28 15.01
CA THR A 568 3.35 8.79 15.23
C THR A 568 4.28 9.04 14.05
N GLY A 569 3.75 9.23 12.85
CA GLY A 569 4.57 9.29 11.67
C GLY A 569 5.13 7.95 11.23
N ASP A 570 4.80 6.88 11.92
CA ASP A 570 5.25 5.54 11.55
C ASP A 570 4.24 4.89 10.61
N ARG A 571 4.76 4.14 9.65
CA ARG A 571 3.96 3.36 8.73
C ARG A 571 3.80 1.96 9.30
N ALA A 572 2.57 1.45 9.28
CA ALA A 572 2.30 0.16 9.89
C ALA A 572 1.10 -0.49 9.22
N ARG A 573 0.78 -1.70 9.68
CA ARG A 573 -0.17 -2.57 9.01
C ARG A 573 -0.60 -3.64 9.99
N PHE A 574 -1.89 -3.97 9.98
CA PHE A 574 -2.41 -5.04 10.81
C PHE A 574 -2.31 -6.36 10.06
N LEU A 575 -1.88 -7.40 10.76
CA LEU A 575 -1.84 -8.75 10.24
C LEU A 575 -3.14 -9.47 10.57
N PRO A 576 -3.50 -10.49 9.80
CA PRO A 576 -4.79 -11.17 10.06
C PRO A 576 -4.91 -11.72 11.47
N ASP A 577 -3.80 -12.06 12.12
CA ASP A 577 -3.86 -12.63 13.47
C ASP A 577 -3.98 -11.57 14.56
N GLY A 578 -4.06 -10.29 14.19
CA GLY A 578 -4.19 -9.21 15.15
C GLY A 578 -2.89 -8.48 15.45
N ASN A 579 -1.75 -9.16 15.30
CA ASN A 579 -0.47 -8.52 15.55
C ASN A 579 -0.24 -7.38 14.56
N ILE A 580 0.48 -6.36 15.01
CA ILE A 580 0.80 -5.20 14.19
C ILE A 580 2.18 -5.41 13.59
N GLU A 581 2.38 -4.85 12.38
CA GLU A 581 3.62 -4.99 11.64
C GLU A 581 4.17 -3.60 11.37
N PHE A 582 5.40 -3.35 11.79
CA PHE A 582 6.05 -2.07 11.58
C PHE A 582 6.70 -2.05 10.19
N LEU A 583 6.49 -0.96 9.46
CA LEU A 583 6.95 -0.87 8.08
C LEU A 583 7.86 0.32 7.83
N GLY A 584 8.39 0.95 8.89
CA GLY A 584 9.29 2.07 8.74
C GLY A 584 8.59 3.40 8.87
N ARG A 585 9.39 4.46 8.78
CA ARG A 585 8.86 5.81 8.83
C ARG A 585 8.27 6.20 7.48
N LEU A 586 7.19 7.00 7.52
CA LEU A 586 6.57 7.44 6.28
C LEU A 586 7.52 8.26 5.44
N ASP A 587 8.49 8.92 6.06
CA ASP A 587 9.46 9.75 5.34
C ASP A 587 10.54 8.95 4.64
N ASN A 588 10.73 7.68 5.01
CA ASN A 588 11.80 6.88 4.42
C ASN A 588 11.39 6.17 3.13
N LEU A 589 10.17 6.39 2.65
CA LEU A 589 9.78 5.88 1.35
C LEU A 589 10.37 6.76 0.25
N VAL A 590 11.09 6.15 -0.68
CA VAL A 590 11.76 6.86 -1.76
C VAL A 590 11.62 6.06 -3.04
N LYS A 591 11.57 6.77 -4.17
CA LYS A 591 11.50 6.14 -5.48
C LYS A 591 12.93 5.97 -6.01
N ILE A 592 13.28 4.73 -6.32
CA ILE A 592 14.60 4.39 -6.83
C ILE A 592 14.41 3.81 -8.23
N ARG A 593 14.69 4.61 -9.25
CA ARG A 593 14.67 4.13 -10.63
C ARG A 593 13.33 3.48 -10.98
N GLY A 594 12.25 4.22 -10.72
CA GLY A 594 10.94 3.77 -11.10
C GLY A 594 10.28 2.79 -10.16
N TYR A 595 10.71 2.74 -8.90
CA TYR A 595 10.10 1.85 -7.92
C TYR A 595 10.12 2.52 -6.56
N ARG A 596 9.00 2.51 -5.84
CA ARG A 596 8.82 3.16 -4.52
C ARG A 596 9.10 2.09 -3.48
N ILE A 597 10.15 2.20 -2.67
CA ILE A 597 10.67 1.16 -1.80
C ILE A 597 10.98 1.72 -0.42
N GLU A 598 11.02 0.82 0.56
CA GLU A 598 11.47 1.12 1.91
C GLU A 598 12.90 0.60 2.05
N PRO A 599 13.92 1.46 1.99
CA PRO A 599 15.30 0.95 2.02
C PRO A 599 15.58 -0.03 3.14
N GLY A 600 14.86 0.08 4.27
CA GLY A 600 15.07 -0.84 5.38
C GLY A 600 14.79 -2.29 5.05
N GLU A 601 13.99 -2.55 4.01
CA GLU A 601 13.70 -3.92 3.61
C GLU A 601 14.91 -4.62 3.01
N ILE A 602 15.96 -3.87 2.65
CA ILE A 602 17.17 -4.49 2.11
C ILE A 602 18.08 -4.97 3.24
N GLU A 603 18.04 -4.31 4.39
CA GLU A 603 18.99 -4.60 5.46
C GLU A 603 19.03 -6.07 5.88
N PRO A 604 17.90 -6.73 6.17
CA PRO A 604 17.99 -8.13 6.59
C PRO A 604 18.70 -9.03 5.59
N PHE A 605 18.55 -8.76 4.28
CA PHE A 605 19.26 -9.55 3.28
C PHE A 605 20.77 -9.35 3.39
N LEU A 606 21.20 -8.08 3.44
CA LEU A 606 22.62 -7.79 3.53
C LEU A 606 23.20 -8.26 4.85
N MET A 607 22.44 -8.12 5.94
CA MET A 607 22.93 -8.54 7.25
C MET A 607 23.18 -10.04 7.30
N ASN A 608 22.34 -10.82 6.59
CA ASN A 608 22.48 -12.26 6.58
C ASN A 608 23.85 -12.70 6.08
N HIS A 609 24.60 -11.82 5.42
CA HIS A 609 25.97 -12.13 5.03
C HIS A 609 26.75 -12.60 6.27
N PRO A 610 27.65 -13.57 6.13
CA PRO A 610 28.38 -14.03 7.32
C PRO A 610 29.28 -12.98 7.93
N LEU A 611 30.12 -12.31 7.17
CA LEU A 611 31.03 -11.26 7.67
C LEU A 611 30.36 -9.95 8.07
N ILE A 612 29.07 -9.78 7.87
CA ILE A 612 28.41 -8.52 8.22
C ILE A 612 27.60 -8.74 9.48
N GLU A 613 27.81 -7.86 10.46
CA GLU A 613 27.07 -7.86 11.72
C GLU A 613 25.91 -6.87 11.71
N LEU A 614 26.19 -5.62 11.34
CA LEU A 614 25.20 -4.55 11.36
C LEU A 614 25.08 -3.94 9.97
N THR A 615 23.89 -3.43 9.66
CA THR A 615 23.63 -2.81 8.37
C THR A 615 22.54 -1.76 8.51
N THR A 616 22.69 -0.68 7.76
CA THR A 616 21.61 0.28 7.56
C THR A 616 21.76 0.86 6.15
N VAL A 617 20.68 0.88 5.39
CA VAL A 617 20.67 1.39 4.03
C VAL A 617 19.96 2.74 4.04
N LEU A 618 20.60 3.72 3.40
CA LEU A 618 20.07 5.08 3.34
C LEU A 618 19.86 5.50 1.89
N ALA A 619 18.92 6.42 1.70
CA ALA A 619 18.67 7.03 0.40
C ALA A 619 19.37 8.38 0.35
N LYS A 620 20.15 8.61 -0.70
CA LYS A 620 20.91 9.85 -0.86
C LYS A 620 20.57 10.46 -2.22
N GLU A 621 20.65 11.79 -2.27
CA GLU A 621 20.35 12.53 -3.48
C GLU A 621 21.64 12.97 -4.16
N GLN A 622 21.59 13.11 -5.47
CA GLN A 622 22.70 13.61 -6.27
C GLN A 622 22.28 14.89 -6.98
N ALA A 623 23.19 15.41 -7.81
CA ALA A 623 22.91 16.67 -8.49
C ALA A 623 21.66 16.58 -9.36
N ASP A 624 21.54 15.48 -10.11
CA ASP A 624 20.42 15.33 -11.03
C ASP A 624 19.06 15.45 -10.34
N GLY A 625 19.01 15.20 -9.03
CA GLY A 625 17.76 15.05 -8.32
C GLY A 625 17.36 13.61 -8.11
N ARG A 626 17.91 12.69 -8.88
CA ARG A 626 17.64 11.27 -8.69
C ARG A 626 18.18 10.80 -7.35
N LYS A 627 17.53 9.78 -6.80
CA LYS A 627 17.95 9.17 -5.55
C LYS A 627 18.71 7.88 -5.81
N TYR A 628 19.63 7.56 -4.90
CA TYR A 628 20.40 6.33 -4.98
C TYR A 628 20.59 5.78 -3.57
N LEU A 629 20.85 4.47 -3.50
CA LEU A 629 20.93 3.77 -2.23
C LEU A 629 22.39 3.52 -1.85
N VAL A 630 22.69 3.67 -0.57
CA VAL A 630 24.01 3.41 -0.02
C VAL A 630 23.84 2.45 1.15
N GLY A 631 24.50 1.29 1.05
CA GLY A 631 24.41 0.29 2.10
C GLY A 631 25.63 0.27 2.99
N TYR A 632 25.48 0.76 4.22
CA TYR A 632 26.55 0.74 5.20
C TYR A 632 26.53 -0.58 5.95
N TYR A 633 27.71 -1.10 6.27
CA TYR A 633 27.80 -2.37 6.98
C TYR A 633 29.00 -2.35 7.92
N VAL A 634 28.85 -3.06 9.03
CA VAL A 634 29.92 -3.23 10.02
C VAL A 634 30.46 -4.64 9.86
N ALA A 635 31.69 -4.74 9.38
CA ALA A 635 32.35 -6.02 9.16
C ALA A 635 33.79 -5.90 9.63
N PRO A 636 34.43 -7.03 10.00
CA PRO A 636 35.85 -6.95 10.38
C PRO A 636 36.71 -6.30 9.31
N GLU A 637 36.48 -6.62 8.04
CA GLU A 637 37.25 -6.09 6.94
C GLU A 637 36.32 -5.74 5.79
N GLU A 638 36.74 -4.77 4.98
CA GLU A 638 35.92 -4.35 3.84
C GLU A 638 35.70 -5.51 2.88
N ILE A 639 34.46 -5.66 2.43
CA ILE A 639 34.08 -6.74 1.52
C ILE A 639 34.02 -6.16 0.11
N PRO A 640 34.56 -6.84 -0.90
CA PRO A 640 34.59 -6.25 -2.25
C PRO A 640 33.20 -5.97 -2.78
N HIS A 641 33.09 -4.87 -3.54
CA HIS A 641 31.79 -4.42 -4.03
C HIS A 641 31.06 -5.50 -4.79
N GLY A 642 31.77 -6.23 -5.67
CA GLY A 642 31.12 -7.25 -6.47
C GLY A 642 30.59 -8.41 -5.67
N GLU A 643 31.26 -8.76 -4.56
CA GLU A 643 30.79 -9.86 -3.72
C GLU A 643 29.47 -9.52 -3.06
N LEU A 644 29.33 -8.28 -2.56
CA LEU A 644 28.08 -7.87 -1.94
C LEU A 644 26.97 -7.73 -2.97
N ARG A 645 27.30 -7.26 -4.17
CA ARG A 645 26.33 -7.17 -5.25
C ARG A 645 25.86 -8.56 -5.67
N GLU A 646 26.78 -9.51 -5.75
CA GLU A 646 26.40 -10.89 -6.07
C GLU A 646 25.58 -11.51 -4.95
N TRP A 647 25.91 -11.19 -3.70
CA TRP A 647 25.21 -11.77 -2.57
C TRP A 647 23.74 -11.38 -2.56
N LEU A 648 23.46 -10.09 -2.76
CA LEU A 648 22.08 -9.61 -2.76
C LEU A 648 21.34 -10.03 -4.03
N GLY A 649 22.04 -10.11 -5.16
CA GLY A 649 21.42 -10.54 -6.40
C GLY A 649 20.77 -11.90 -6.33
N ASN A 650 21.01 -12.66 -5.26
CA ASN A 650 20.37 -13.96 -5.10
C ASN A 650 18.87 -13.81 -4.83
N ASP A 651 18.45 -12.68 -4.26
CA ASP A 651 17.07 -12.51 -3.80
C ASP A 651 16.43 -11.19 -4.21
N LEU A 652 17.19 -10.22 -4.71
CA LEU A 652 16.64 -8.90 -4.96
C LEU A 652 16.91 -8.44 -6.39
N PRO A 653 15.98 -7.73 -7.01
CA PRO A 653 16.26 -7.13 -8.32
C PRO A 653 17.29 -6.02 -8.19
N ASP A 654 17.81 -5.59 -9.35
CA ASP A 654 18.94 -4.67 -9.35
C ASP A 654 18.57 -3.33 -8.69
N TYR A 655 17.33 -2.87 -8.88
CA TYR A 655 16.98 -1.55 -8.35
C TYR A 655 16.97 -1.53 -6.83
N MET A 656 16.99 -2.68 -6.19
CA MET A 656 17.04 -2.74 -4.71
C MET A 656 18.44 -3.11 -4.23
N ILE A 657 19.43 -3.11 -5.08
CA ILE A 657 20.82 -3.35 -4.69
C ILE A 657 21.53 -2.00 -4.58
N PRO A 658 22.04 -1.63 -3.41
CA PRO A 658 22.70 -0.33 -3.29
C PRO A 658 23.77 -0.13 -4.34
N THR A 659 23.86 1.09 -4.87
CA THR A 659 24.88 1.39 -5.87
C THR A 659 26.26 1.49 -5.24
N TYR A 660 26.34 1.91 -3.99
CA TYR A 660 27.60 1.99 -3.26
C TYR A 660 27.48 1.24 -1.94
N PHE A 661 28.60 0.67 -1.50
CA PHE A 661 28.71 0.02 -0.20
C PHE A 661 29.82 0.68 0.60
N VAL A 662 29.55 1.00 1.86
CA VAL A 662 30.49 1.70 2.72
C VAL A 662 30.78 0.82 3.93
N HIS A 663 32.04 0.43 4.07
CA HIS A 663 32.48 -0.36 5.22
C HIS A 663 32.79 0.56 6.40
N MET A 664 32.53 0.06 7.60
CA MET A 664 32.77 0.83 8.81
C MET A 664 33.07 -0.10 9.97
N LYS A 665 33.98 0.33 10.85
CA LYS A 665 34.31 -0.46 12.03
C LYS A 665 33.10 -0.60 12.95
N ALA A 666 32.44 0.52 13.25
CA ALA A 666 31.23 0.51 14.07
C ALA A 666 30.38 1.70 13.67
N PHE A 667 29.08 1.61 13.93
CA PHE A 667 28.21 2.71 13.54
C PHE A 667 28.13 3.75 14.65
N PRO A 668 28.10 5.03 14.31
CA PRO A 668 27.93 6.07 15.35
C PRO A 668 26.52 6.02 15.93
N LEU A 669 26.44 5.81 17.23
CA LEU A 669 25.16 5.72 17.90
C LEU A 669 24.76 7.09 18.46
N THR A 670 23.68 7.13 19.22
CA THR A 670 23.22 8.33 19.90
C THR A 670 23.02 7.98 21.37
N ALA A 671 22.78 8.96 22.22
CA ALA A 671 22.65 8.71 23.66
C ALA A 671 21.55 7.68 23.90
N ASN A 672 20.40 7.69 23.19
CA ASN A 672 19.39 6.69 23.44
C ASN A 672 19.86 5.28 23.09
N GLY A 673 20.85 5.15 22.22
CA GLY A 673 21.36 3.87 21.82
C GLY A 673 20.96 3.41 20.42
N LYS A 674 20.51 4.32 19.56
CA LYS A 674 20.15 3.99 18.19
C LYS A 674 21.27 4.40 17.23
N VAL A 675 21.28 3.75 16.07
CA VAL A 675 22.21 4.13 15.02
C VAL A 675 21.91 5.56 14.59
N ASP A 676 22.98 6.33 14.39
CA ASP A 676 22.86 7.75 14.03
C ASP A 676 22.88 7.85 12.51
N ARG A 677 21.68 7.95 11.91
CA ARG A 677 21.59 8.02 10.46
C ARG A 677 22.26 9.29 9.92
N ARG A 678 22.09 10.41 10.60
CA ARG A 678 22.67 11.66 10.14
C ARG A 678 24.19 11.68 10.25
N ALA A 679 24.77 10.77 11.03
CA ALA A 679 26.20 10.77 11.29
C ALA A 679 26.98 9.83 10.38
N LEU A 680 26.31 9.06 9.53
CA LEU A 680 27.02 8.14 8.65
C LEU A 680 27.79 8.92 7.59
N PRO A 681 28.99 8.48 7.22
CA PRO A 681 29.81 9.27 6.30
C PRO A 681 29.24 9.27 4.90
N ASP A 682 29.74 10.20 4.09
CA ASP A 682 29.34 10.34 2.70
C ASP A 682 30.22 9.48 1.80
N VAL A 683 29.88 9.44 0.52
CA VAL A 683 30.58 8.61 -0.44
C VAL A 683 31.77 9.38 -1.00
N GLN A 684 32.90 8.69 -1.15
CA GLN A 684 34.11 9.29 -1.67
C GLN A 684 34.01 9.48 -3.18
N VAL A 695 35.68 -3.21 -15.13
CA VAL A 695 36.44 -2.63 -16.23
C VAL A 695 35.73 -1.36 -16.71
N ALA A 696 36.51 -0.29 -16.93
CA ALA A 696 36.00 1.03 -17.32
C ALA A 696 36.21 1.17 -18.81
N PRO A 697 35.35 1.86 -19.56
CA PRO A 697 35.57 1.90 -20.98
C PRO A 697 36.87 2.67 -21.27
N THR A 698 37.76 2.12 -22.08
CA THR A 698 39.00 2.76 -22.54
C THR A 698 38.92 3.15 -24.00
N ASP A 699 38.35 2.29 -24.82
CA ASP A 699 38.14 2.57 -26.24
C ASP A 699 37.21 3.76 -26.41
N GLU A 700 37.21 4.31 -27.64
CA GLU A 700 36.35 5.45 -27.96
C GLU A 700 34.88 5.02 -28.03
N LEU A 701 34.60 3.95 -28.77
CA LEU A 701 33.24 3.47 -28.90
C LEU A 701 32.71 2.93 -27.58
N GLU A 702 33.57 2.29 -26.79
CA GLU A 702 33.15 1.75 -25.50
C GLU A 702 32.64 2.87 -24.59
N GLN A 703 33.36 4.00 -24.54
CA GLN A 703 32.90 5.13 -23.76
C GLN A 703 31.55 5.64 -24.26
N GLN A 704 31.38 5.71 -25.58
CA GLN A 704 30.11 6.17 -26.14
C GLN A 704 28.97 5.23 -25.78
N LEU A 705 29.25 3.92 -25.73
CA LEU A 705 28.23 2.96 -25.36
C LEU A 705 27.91 3.02 -23.87
N ALA A 706 28.94 3.19 -23.04
CA ALA A 706 28.70 3.29 -21.60
C ALA A 706 27.81 4.49 -21.27
N GLN A 707 28.01 5.62 -21.96
CA GLN A 707 27.17 6.79 -21.72
C GLN A 707 25.72 6.50 -22.05
N VAL A 708 25.47 5.73 -23.11
CA VAL A 708 24.11 5.36 -23.48
C VAL A 708 23.51 4.42 -22.45
N TRP A 709 24.28 3.41 -22.03
CA TRP A 709 23.79 2.50 -21.00
C TRP A 709 23.50 3.24 -19.70
N SER A 710 24.39 4.15 -19.31
CA SER A 710 24.21 4.87 -18.05
C SER A 710 22.94 5.71 -18.06
N HIS A 711 22.49 6.14 -19.23
CA HIS A 711 21.26 6.93 -19.33
C HIS A 711 20.02 6.04 -19.41
N VAL A 712 20.10 4.94 -20.15
CA VAL A 712 18.94 4.07 -20.31
C VAL A 712 18.63 3.36 -19.00
N LEU A 713 19.65 2.88 -18.30
CA LEU A 713 19.47 2.14 -17.06
C LEU A 713 19.45 3.02 -15.82
N GLY A 714 19.72 4.32 -15.96
CA GLY A 714 19.74 5.21 -14.82
C GLY A 714 20.80 4.83 -13.81
N ILE A 715 22.02 4.60 -14.28
CA ILE A 715 23.12 4.09 -13.48
C ILE A 715 24.33 5.01 -13.70
N PRO A 716 25.14 5.29 -12.67
CA PRO A 716 26.26 6.22 -12.87
C PRO A 716 27.37 5.64 -13.75
N GLN A 717 27.90 4.49 -13.36
CA GLN A 717 29.06 3.88 -13.99
C GLN A 717 28.70 2.48 -14.44
N MET A 718 29.04 2.16 -15.69
CA MET A 718 28.72 0.86 -16.29
C MET A 718 30.00 0.12 -16.62
N GLY A 719 30.11 -1.11 -16.12
CA GLY A 719 31.27 -1.92 -16.43
C GLY A 719 31.20 -2.52 -17.82
N ILE A 720 32.38 -2.74 -18.39
CA ILE A 720 32.48 -3.25 -19.76
C ILE A 720 31.87 -4.64 -19.86
N ASP A 721 31.91 -5.42 -18.79
CA ASP A 721 31.40 -6.78 -18.78
C ASP A 721 30.07 -6.89 -18.05
N ASP A 722 29.50 -5.77 -17.63
CA ASP A 722 28.20 -5.80 -16.96
C ASP A 722 27.14 -6.33 -17.91
N HIS A 723 26.40 -7.34 -17.44
CA HIS A 723 25.30 -7.89 -18.22
C HIS A 723 24.11 -6.93 -18.19
N PHE A 724 23.48 -6.74 -19.35
CA PHE A 724 22.42 -5.75 -19.45
C PHE A 724 21.26 -6.07 -18.52
N LEU A 725 20.84 -7.34 -18.46
CA LEU A 725 19.71 -7.71 -17.62
C LEU A 725 20.10 -7.74 -16.14
N GLU A 726 21.37 -8.01 -15.83
CA GLU A 726 21.81 -7.96 -14.43
C GLU A 726 21.67 -6.56 -13.86
N ARG A 727 21.85 -5.52 -14.68
CA ARG A 727 21.83 -4.14 -14.21
C ARG A 727 20.49 -3.45 -14.51
N GLY A 728 19.38 -4.19 -14.40
CA GLY A 728 18.07 -3.57 -14.46
C GLY A 728 17.48 -3.41 -15.84
N GLY A 729 17.96 -4.15 -16.83
CA GLY A 729 17.46 -4.03 -18.19
C GLY A 729 16.25 -4.91 -18.45
N ASP A 730 15.27 -4.34 -19.15
CA ASP A 730 14.10 -5.09 -19.60
C ASP A 730 13.82 -4.72 -21.06
N SER A 731 12.78 -5.32 -21.63
CA SER A 731 12.49 -5.15 -23.05
C SER A 731 12.23 -3.69 -23.38
N ILE A 732 11.55 -2.95 -22.54
CA ILE A 732 11.29 -1.52 -22.79
C ILE A 732 12.64 -0.82 -22.96
N LYS A 733 13.56 -0.98 -22.00
CA LYS A 733 14.86 -0.34 -22.09
C LYS A 733 15.73 -0.93 -23.19
N VAL A 734 15.47 -2.18 -23.59
CA VAL A 734 16.12 -2.74 -24.76
C VAL A 734 15.77 -1.92 -26.00
N MET A 735 14.49 -1.54 -26.12
CA MET A 735 14.06 -0.68 -27.22
C MET A 735 14.65 0.71 -27.09
N GLN A 736 14.60 1.28 -25.88
CA GLN A 736 15.24 2.58 -25.65
C GLN A 736 16.70 2.56 -26.07
N LEU A 737 17.38 1.44 -25.82
CA LEU A 737 18.80 1.35 -26.18
C LEU A 737 18.98 1.44 -27.69
N ILE A 738 18.14 0.73 -28.45
CA ILE A 738 18.23 0.81 -29.91
C ILE A 738 17.88 2.22 -30.38
N HIS A 739 16.96 2.89 -29.69
CA HIS A 739 16.63 4.27 -30.02
C HIS A 739 17.83 5.18 -29.83
N GLN A 740 18.47 5.11 -28.67
CA GLN A 740 19.61 5.97 -28.39
C GLN A 740 20.76 5.72 -29.35
N LEU A 741 20.97 4.47 -29.73
CA LEU A 741 22.11 4.13 -30.59
C LEU A 741 21.92 4.69 -32.00
N LYS A 742 20.69 4.71 -32.50
CA LYS A 742 20.42 5.29 -33.81
C LYS A 742 20.60 6.80 -33.80
N ASN A 743 20.57 7.43 -32.62
CA ASN A 743 20.99 8.82 -32.47
C ASN A 743 22.51 8.96 -32.52
N ILE A 744 23.21 7.89 -32.90
CA ILE A 744 24.66 7.90 -33.08
C ILE A 744 24.96 7.23 -34.42
N GLY A 745 23.92 7.02 -35.22
CA GLY A 745 24.07 6.33 -36.49
C GLY A 745 24.30 4.85 -36.40
N LEU A 746 24.17 4.27 -35.20
CA LEU A 746 24.40 2.85 -34.99
C LEU A 746 23.06 2.12 -34.96
N SER A 747 22.92 1.11 -35.81
CA SER A 747 21.72 0.30 -35.87
C SER A 747 21.94 -0.98 -35.07
N LEU A 748 21.02 -1.26 -34.15
CA LEU A 748 21.08 -2.46 -33.32
C LEU A 748 19.75 -3.19 -33.37
N ARG A 749 19.80 -4.51 -33.50
CA ARG A 749 18.61 -5.33 -33.56
C ARG A 749 18.29 -5.90 -32.19
N TYR A 750 16.99 -6.17 -31.97
CA TYR A 750 16.54 -6.64 -30.67
C TYR A 750 17.24 -7.94 -30.27
N ASP A 751 17.25 -8.93 -31.17
CA ASP A 751 17.86 -10.22 -30.86
C ASP A 751 19.36 -10.08 -30.59
N GLN A 752 20.01 -9.12 -31.25
CA GLN A 752 21.44 -8.94 -31.06
C GLN A 752 21.76 -8.45 -29.65
N LEU A 753 20.84 -7.79 -29.01
CA LEU A 753 21.11 -7.29 -27.65
C LEU A 753 21.14 -8.47 -26.71
N PHE A 754 20.44 -9.56 -27.01
CA PHE A 754 20.39 -10.71 -26.12
C PHE A 754 21.47 -11.74 -26.41
N THR A 755 22.01 -11.76 -27.63
CA THR A 755 23.19 -12.55 -27.94
C THR A 755 24.48 -11.82 -27.62
N HIS A 756 24.41 -10.50 -27.41
CA HIS A 756 25.59 -9.68 -27.09
C HIS A 756 25.21 -8.74 -25.95
N PRO A 757 24.96 -9.29 -24.76
CA PRO A 757 24.37 -8.49 -23.67
C PRO A 757 25.36 -7.64 -22.89
N THR A 758 26.62 -7.55 -23.30
CA THR A 758 27.59 -6.72 -22.62
C THR A 758 28.16 -5.69 -23.58
N ILE A 759 28.70 -4.60 -23.03
CA ILE A 759 29.31 -3.58 -23.86
C ILE A 759 30.47 -4.16 -24.65
N ARG A 760 31.22 -5.09 -24.04
CA ARG A 760 32.34 -5.71 -24.75
C ARG A 760 31.86 -6.45 -25.99
N GLN A 761 30.77 -7.22 -25.86
CA GLN A 761 30.25 -7.97 -27.00
C GLN A 761 29.57 -7.06 -28.01
N LEU A 762 29.03 -5.92 -27.56
CA LEU A 762 28.40 -4.98 -28.48
C LEU A 762 29.42 -4.18 -29.27
N LYS A 763 30.58 -3.89 -28.65
CA LYS A 763 31.65 -3.20 -29.36
C LYS A 763 31.96 -3.88 -30.68
N ARG A 764 32.43 -5.13 -30.61
CA ARG A 764 32.78 -5.88 -31.81
C ARG A 764 31.68 -5.85 -32.86
N LEU A 765 30.41 -5.80 -32.44
CA LEU A 765 29.29 -5.90 -33.37
C LEU A 765 29.00 -4.61 -34.11
N LEU A 766 29.39 -3.46 -33.55
CA LEU A 766 29.03 -2.17 -34.11
C LEU A 766 30.19 -1.45 -34.78
N THR A 767 31.41 -2.02 -34.71
CA THR A 767 32.54 -1.39 -35.38
C THR A 767 32.33 -1.33 -36.89
N GLU A 768 31.59 -2.29 -37.45
CA GLU A 768 31.31 -2.27 -38.89
C GLU A 768 30.23 -1.25 -39.23
N GLN A 769 29.08 -1.33 -38.57
CA GLN A 769 27.97 -0.42 -38.85
C GLN A 769 27.04 -0.32 -37.64
N GLU A 775 17.94 8.23 -40.06
CA GLU A 775 16.74 8.53 -40.84
C GLU A 775 15.55 8.83 -39.94
N PRO A 776 15.33 10.11 -39.61
CA PRO A 776 14.18 10.48 -38.79
C PRO A 776 12.87 10.25 -39.52
N LEU A 777 11.81 10.13 -38.73
CA LEU A 777 10.46 9.94 -39.27
C LEU A 777 9.99 11.24 -39.90
N ARG A 778 9.87 11.26 -41.23
CA ARG A 778 9.59 12.49 -41.96
C ARG A 778 8.10 12.81 -41.88
N GLU A 779 7.75 13.91 -41.21
CA GLU A 779 6.36 14.33 -41.14
C GLU A 779 5.79 14.48 -42.54
N LEU A 780 4.51 14.13 -42.68
CA LEU A 780 3.82 14.25 -43.96
C LEU A 780 3.27 15.66 -44.14
N ASP A 781 3.13 16.05 -45.40
CA ASP A 781 2.53 17.34 -45.72
C ASP A 781 1.03 17.29 -45.46
N GLU A 782 0.38 18.43 -45.68
CA GLU A 782 -1.07 18.47 -45.60
C GLU A 782 -1.68 17.77 -46.81
N GLN A 783 -2.59 16.84 -46.55
CA GLN A 783 -3.27 16.10 -47.61
C GLN A 783 -4.73 15.97 -47.23
N ALA A 784 -5.59 15.83 -48.24
CA ALA A 784 -7.00 15.59 -47.96
C ALA A 784 -7.18 14.29 -47.20
N GLU A 785 -6.37 13.28 -47.50
CA GLU A 785 -6.56 11.92 -47.01
C GLU A 785 -5.20 11.26 -46.90
N TYR A 786 -5.08 10.32 -45.96
CA TYR A 786 -3.81 9.67 -45.68
C TYR A 786 -3.95 8.16 -45.65
N GLU A 787 -2.86 7.47 -45.97
CA GLU A 787 -2.83 6.02 -45.84
C GLU A 787 -3.09 5.62 -44.39
N THR A 788 -3.50 4.37 -44.21
CA THR A 788 -3.65 3.78 -42.90
C THR A 788 -2.60 2.69 -42.69
N SER A 789 -2.35 2.37 -41.43
CA SER A 789 -1.44 1.30 -41.09
C SER A 789 -2.12 -0.05 -41.27
N ALA A 790 -1.31 -1.11 -41.29
CA ALA A 790 -1.86 -2.46 -41.39
C ALA A 790 -2.76 -2.78 -40.21
N VAL A 791 -2.32 -2.42 -39.00
CA VAL A 791 -3.10 -2.72 -37.81
C VAL A 791 -4.39 -1.93 -37.80
N GLU A 792 -4.36 -0.67 -38.26
CA GLU A 792 -5.58 0.12 -38.33
C GLU A 792 -6.59 -0.50 -39.28
N LYS A 793 -6.12 -1.12 -40.36
CA LYS A 793 -7.03 -1.79 -41.27
C LYS A 793 -7.76 -2.94 -40.59
N ARG A 794 -7.02 -3.78 -39.86
CA ARG A 794 -7.64 -4.91 -39.18
C ARG A 794 -8.72 -4.44 -38.21
N MET A 795 -8.40 -3.45 -37.36
CA MET A 795 -9.38 -2.93 -36.42
C MET A 795 -10.62 -2.42 -37.16
N TYR A 796 -10.43 -1.78 -38.30
CA TYR A 796 -11.56 -1.27 -39.07
C TYR A 796 -12.37 -2.40 -39.69
N ILE A 797 -11.70 -3.48 -40.10
CA ILE A 797 -12.41 -4.61 -40.69
C ILE A 797 -13.22 -5.35 -39.63
N ILE A 798 -12.59 -5.63 -38.48
CA ILE A 798 -13.29 -6.32 -37.40
C ILE A 798 -14.51 -5.52 -36.97
N GLN A 799 -14.35 -4.21 -36.76
CA GLN A 799 -15.46 -3.39 -36.32
C GLN A 799 -16.58 -3.34 -37.35
N GLN A 800 -16.24 -3.49 -38.63
CA GLN A 800 -17.24 -3.45 -39.69
C GLN A 800 -18.02 -4.75 -39.81
N GLN A 801 -17.47 -5.86 -39.34
CA GLN A 801 -18.19 -7.14 -39.40
C GLN A 801 -19.35 -7.15 -38.42
N ASP A 802 -19.10 -6.79 -37.16
CA ASP A 802 -20.13 -6.59 -36.15
C ASP A 802 -20.16 -5.09 -35.86
N VAL A 803 -21.05 -4.37 -36.55
CA VAL A 803 -20.96 -2.92 -36.60
C VAL A 803 -21.15 -2.29 -35.23
N GLU A 804 -21.94 -2.92 -34.35
CA GLU A 804 -22.23 -2.37 -33.03
C GLU A 804 -21.57 -3.17 -31.92
N SER A 805 -20.47 -3.86 -32.21
CA SER A 805 -19.73 -4.56 -31.18
C SER A 805 -18.96 -3.58 -30.31
N ILE A 806 -18.54 -4.05 -29.14
CA ILE A 806 -17.68 -3.25 -28.27
C ILE A 806 -16.55 -4.10 -27.71
N ALA A 807 -16.19 -5.20 -28.33
CA ALA A 807 -15.16 -6.06 -27.78
C ALA A 807 -13.83 -5.35 -27.85
N TYR A 808 -13.72 -4.39 -28.75
CA TYR A 808 -12.47 -3.64 -28.90
C TYR A 808 -12.61 -2.20 -28.44
N ASN A 809 -13.41 -1.98 -27.39
CA ASN A 809 -13.44 -0.71 -26.67
C ASN A 809 -12.52 -0.82 -25.46
N VAL A 810 -11.93 0.31 -25.07
CA VAL A 810 -11.00 0.38 -23.95
C VAL A 810 -11.55 1.38 -22.95
N VAL A 811 -11.77 0.91 -21.72
CA VAL A 811 -12.39 1.73 -20.67
C VAL A 811 -11.49 1.74 -19.45
N TYR A 812 -11.22 2.93 -18.92
CA TYR A 812 -10.44 3.11 -17.71
C TYR A 812 -11.21 3.99 -16.74
N THR A 813 -10.84 3.92 -15.46
CA THR A 813 -11.39 4.81 -14.45
C THR A 813 -10.28 5.27 -13.52
N ILE A 814 -10.47 6.45 -12.94
CA ILE A 814 -9.54 7.02 -11.98
C ILE A 814 -10.36 7.62 -10.84
N ASN A 815 -10.12 7.16 -9.62
CA ASN A 815 -10.79 7.70 -8.45
C ASN A 815 -10.10 9.00 -8.04
N PHE A 816 -10.82 10.13 -8.19
CA PHE A 816 -10.33 11.42 -7.76
C PHE A 816 -11.00 11.84 -6.46
N PRO A 817 -10.30 12.58 -5.60
CA PRO A 817 -10.96 13.13 -4.41
C PRO A 817 -12.01 14.17 -4.81
N LEU A 818 -12.89 14.47 -3.85
CA LEU A 818 -13.95 15.44 -4.10
C LEU A 818 -13.41 16.85 -4.30
N THR A 819 -12.18 17.13 -3.86
CA THR A 819 -11.63 18.47 -4.02
C THR A 819 -11.31 18.77 -5.47
N VAL A 820 -10.99 17.74 -6.27
CA VAL A 820 -10.64 17.95 -7.67
C VAL A 820 -11.80 18.60 -8.41
N ASP A 821 -11.50 19.66 -9.17
CA ASP A 821 -12.50 20.35 -9.95
C ASP A 821 -12.90 19.52 -11.16
N THR A 822 -14.21 19.27 -11.30
CA THR A 822 -14.70 18.50 -12.44
C THR A 822 -14.41 19.20 -13.76
N GLU A 823 -14.30 20.53 -13.74
CA GLU A 823 -14.06 21.29 -14.97
C GLU A 823 -12.62 21.17 -15.42
N GLN A 824 -11.66 21.23 -14.49
CA GLN A 824 -10.26 21.11 -14.87
C GLN A 824 -9.99 19.77 -15.54
N ILE A 825 -10.59 18.70 -15.02
CA ILE A 825 -10.49 17.40 -15.67
C ILE A 825 -10.98 17.48 -17.11
N ARG A 826 -12.18 18.01 -17.31
CA ARG A 826 -12.74 18.13 -18.65
C ARG A 826 -11.85 18.98 -19.55
N VAL A 827 -11.32 20.08 -19.00
CA VAL A 827 -10.48 20.97 -19.81
C VAL A 827 -9.17 20.29 -20.17
N ALA A 828 -8.59 19.52 -19.23
CA ALA A 828 -7.37 18.79 -19.53
C ALA A 828 -7.60 17.79 -20.67
N LEU A 829 -8.74 17.09 -20.64
CA LEU A 829 -9.04 16.13 -21.69
C LEU A 829 -9.19 16.82 -23.04
N GLU A 830 -9.91 17.93 -23.09
CA GLU A 830 -10.12 18.63 -24.35
C GLU A 830 -8.82 19.23 -24.88
N GLN A 831 -7.88 19.54 -24.00
CA GLN A 831 -6.54 19.95 -24.45
C GLN A 831 -5.82 18.78 -25.12
N LEU A 832 -6.04 17.57 -24.62
CA LEU A 832 -5.39 16.40 -25.21
C LEU A 832 -5.93 16.10 -26.60
N VAL A 833 -7.20 16.46 -26.86
CA VAL A 833 -7.76 16.26 -28.19
C VAL A 833 -7.05 17.14 -29.21
N LEU A 834 -6.78 18.40 -28.85
CA LEU A 834 -6.07 19.29 -29.75
C LEU A 834 -4.63 18.82 -29.96
N ARG A 835 -4.04 18.17 -28.96
CA ARG A 835 -2.62 17.86 -28.98
C ARG A 835 -2.32 16.64 -29.83
N HIS A 836 -3.21 15.65 -29.84
CA HIS A 836 -2.97 14.40 -30.54
C HIS A 836 -3.94 14.25 -31.70
N GLU A 837 -3.40 14.14 -32.92
CA GLU A 837 -4.23 13.99 -34.10
C GLU A 837 -5.08 12.72 -34.03
N GLY A 838 -4.59 11.69 -33.35
CA GLY A 838 -5.36 10.47 -33.23
C GLY A 838 -6.74 10.70 -32.63
N LEU A 839 -6.82 11.61 -31.67
CA LEU A 839 -8.10 12.01 -31.09
C LEU A 839 -8.95 12.81 -32.07
N ARG A 840 -8.37 13.28 -33.17
CA ARG A 840 -9.08 14.04 -34.19
C ARG A 840 -9.07 13.29 -35.52
N SER A 841 -9.02 11.96 -35.47
CA SER A 841 -8.91 11.14 -36.66
C SER A 841 -10.22 10.40 -36.90
N THR A 842 -10.51 10.14 -38.17
CA THR A 842 -11.68 9.38 -38.58
C THR A 842 -11.26 8.43 -39.69
N TYR A 843 -12.01 7.33 -39.81
CA TYR A 843 -11.69 6.28 -40.77
C TYR A 843 -12.87 6.07 -41.70
N HIS A 844 -12.62 6.20 -43.00
CA HIS A 844 -13.66 6.10 -44.01
C HIS A 844 -13.23 5.11 -45.08
N MET A 845 -14.20 4.68 -45.87
CA MET A 845 -13.95 3.73 -46.94
C MET A 845 -13.85 4.48 -48.26
N ARG A 846 -12.74 4.31 -48.96
CA ARG A 846 -12.50 4.91 -50.27
C ARG A 846 -12.30 3.77 -51.27
N GLY A 847 -13.36 3.41 -51.97
CA GLY A 847 -13.30 2.25 -52.85
C GLY A 847 -12.99 1.02 -52.03
N ASP A 848 -11.88 0.35 -52.37
CA ASP A 848 -11.41 -0.82 -51.63
C ASP A 848 -10.17 -0.48 -50.79
N GLU A 849 -10.08 0.75 -50.29
CA GLU A 849 -8.97 1.19 -49.47
C GLU A 849 -9.50 1.88 -48.22
N ILE A 850 -9.07 1.41 -47.06
CA ILE A 850 -9.39 2.07 -45.80
C ILE A 850 -8.45 3.26 -45.63
N VAL A 851 -9.02 4.43 -45.36
CA VAL A 851 -8.33 5.71 -45.47
C VAL A 851 -8.66 6.56 -44.25
N LYS A 852 -7.73 7.45 -43.90
CA LYS A 852 -7.86 8.27 -42.70
C LYS A 852 -7.95 9.75 -43.07
N ARG A 853 -8.81 10.47 -42.34
CA ARG A 853 -8.91 11.92 -42.43
C ARG A 853 -8.71 12.53 -41.04
N ILE A 854 -8.22 13.76 -41.02
CA ILE A 854 -7.90 14.47 -39.79
C ILE A 854 -8.71 15.77 -39.75
N VAL A 855 -9.37 16.03 -38.63
CA VAL A 855 -10.17 17.24 -38.45
C VAL A 855 -9.42 18.19 -37.53
N PRO A 856 -9.46 19.51 -37.78
CA PRO A 856 -8.71 20.44 -36.91
C PRO A 856 -9.28 20.58 -35.51
N ARG A 857 -10.56 20.27 -35.30
CA ARG A 857 -11.16 20.35 -33.97
C ARG A 857 -12.27 19.31 -33.86
N ALA A 858 -12.53 18.86 -32.64
CA ALA A 858 -13.56 17.86 -32.39
C ALA A 858 -14.08 18.00 -30.96
N GLU A 859 -15.41 17.99 -30.82
CA GLU A 859 -16.03 18.17 -29.52
C GLU A 859 -15.95 16.88 -28.71
N LEU A 860 -15.54 17.00 -27.45
CA LEU A 860 -15.39 15.86 -26.57
C LEU A 860 -16.70 15.62 -25.82
N SER A 861 -17.29 14.44 -25.99
CA SER A 861 -18.48 14.05 -25.24
C SER A 861 -18.08 13.85 -23.78
N PHE A 862 -18.46 14.79 -22.92
CA PHE A 862 -18.16 14.73 -21.50
C PHE A 862 -19.46 14.74 -20.71
N VAL A 863 -19.55 13.88 -19.71
CA VAL A 863 -20.79 13.64 -18.98
C VAL A 863 -20.53 13.76 -17.48
N ARG A 864 -21.48 14.36 -16.78
CA ARG A 864 -21.46 14.45 -15.32
C ARG A 864 -22.64 13.68 -14.77
N GLN A 865 -22.41 12.92 -13.70
CA GLN A 865 -23.46 12.11 -13.08
C GLN A 865 -23.20 12.01 -11.59
N THR A 866 -24.27 11.78 -10.84
CA THR A 866 -24.18 11.47 -9.42
C THR A 866 -24.73 10.07 -9.21
N GLY A 867 -23.93 9.21 -8.58
CA GLY A 867 -24.31 7.84 -8.33
C GLY A 867 -23.89 7.38 -6.95
N GLU A 868 -23.90 6.07 -6.73
CA GLU A 868 -23.51 5.48 -5.46
C GLU A 868 -22.41 4.45 -5.72
N GLU A 869 -21.54 4.26 -4.73
CA GLU A 869 -20.44 3.31 -4.88
C GLU A 869 -20.94 1.97 -5.41
N GLU A 870 -22.06 1.48 -4.87
CA GLU A 870 -22.64 0.23 -5.35
C GLU A 870 -23.00 0.29 -6.82
N SER A 871 -23.37 1.48 -7.31
CA SER A 871 -23.97 1.62 -8.63
C SER A 871 -22.97 2.02 -9.71
N VAL A 872 -21.73 2.38 -9.34
CA VAL A 872 -20.77 2.86 -10.32
C VAL A 872 -20.61 1.85 -11.46
N GLN A 873 -20.46 0.57 -11.13
CA GLN A 873 -20.27 -0.43 -12.18
C GLN A 873 -21.45 -0.43 -13.14
N SER A 874 -22.67 -0.19 -12.64
CA SER A 874 -23.85 -0.19 -13.49
C SER A 874 -23.95 1.10 -14.29
N LEU A 875 -23.75 2.24 -13.63
CA LEU A 875 -23.77 3.53 -14.33
C LEU A 875 -22.80 3.53 -15.50
N LEU A 876 -21.62 2.94 -15.29
CA LEU A 876 -20.58 2.97 -16.32
C LEU A 876 -20.93 2.08 -17.50
N ALA A 877 -21.43 0.87 -17.22
CA ALA A 877 -21.76 -0.07 -18.27
C ALA A 877 -22.73 0.53 -19.27
N GLU A 878 -23.54 1.47 -18.84
CA GLU A 878 -24.52 2.10 -19.74
C GLU A 878 -23.79 3.01 -20.70
N GLN A 879 -22.73 3.68 -20.26
CA GLN A 879 -22.01 4.63 -21.10
C GLN A 879 -21.25 3.93 -22.22
N ILE A 880 -20.86 2.67 -22.01
CA ILE A 880 -20.06 1.94 -22.99
C ILE A 880 -20.94 1.58 -24.17
N LYS A 881 -20.69 2.23 -25.31
CA LYS A 881 -21.48 2.02 -26.51
C LYS A 881 -20.55 2.01 -27.72
N PRO A 882 -20.97 1.39 -28.82
CA PRO A 882 -20.08 1.29 -29.98
C PRO A 882 -19.70 2.65 -30.53
N PHE A 883 -18.60 2.67 -31.27
CA PHE A 883 -18.07 3.88 -31.89
C PHE A 883 -18.32 3.86 -33.39
N ASP A 884 -18.53 5.04 -33.95
CA ASP A 884 -18.55 5.24 -35.40
C ASP A 884 -17.15 5.69 -35.78
N LEU A 885 -16.37 4.77 -36.36
CA LEU A 885 -14.97 5.05 -36.65
C LEU A 885 -14.79 6.26 -37.57
N ALA A 886 -15.86 6.70 -38.23
CA ALA A 886 -15.80 7.87 -39.10
C ALA A 886 -16.14 9.17 -38.37
N LYS A 887 -16.48 9.11 -37.10
CA LYS A 887 -16.82 10.29 -36.31
C LYS A 887 -15.78 10.48 -35.21
N ALA A 888 -15.20 11.68 -35.16
CA ALA A 888 -14.22 12.03 -34.14
C ALA A 888 -14.84 12.93 -33.08
N PRO A 889 -14.29 12.93 -31.86
CA PRO A 889 -13.13 12.11 -31.48
C PRO A 889 -13.57 10.70 -31.15
N LEU A 890 -12.66 9.74 -31.26
CA LEU A 890 -12.96 8.35 -30.92
C LEU A 890 -12.75 8.08 -29.44
N LEU A 891 -13.27 8.97 -28.60
CA LEU A 891 -13.10 8.84 -27.16
C LEU A 891 -14.16 9.67 -26.44
N ARG A 892 -14.76 9.06 -25.42
CA ARG A 892 -15.71 9.72 -24.56
C ARG A 892 -15.19 9.71 -23.13
N ALA A 893 -15.75 10.59 -22.31
CA ALA A 893 -15.35 10.69 -20.92
C ALA A 893 -16.56 11.05 -20.08
N GLY A 894 -16.38 10.98 -18.76
CA GLY A 894 -17.41 11.35 -17.84
C GLY A 894 -16.91 11.22 -16.42
N VAL A 895 -17.64 11.87 -15.52
CA VAL A 895 -17.34 11.82 -14.09
C VAL A 895 -18.61 11.37 -13.38
N ILE A 896 -18.51 10.27 -12.64
CA ILE A 896 -19.58 9.81 -11.76
C ILE A 896 -19.17 10.17 -10.34
N GLU A 897 -19.94 11.06 -9.71
CA GLU A 897 -19.61 11.55 -8.39
C GLU A 897 -20.43 10.80 -7.34
N THR A 898 -19.74 10.08 -6.46
CA THR A 898 -20.38 9.42 -5.34
C THR A 898 -20.19 10.27 -4.08
N ALA A 899 -20.65 9.72 -2.96
CA ALA A 899 -20.61 10.46 -1.70
C ALA A 899 -19.18 10.84 -1.32
N ASP A 900 -18.22 9.92 -1.48
CA ASP A 900 -16.85 10.15 -0.97
C ASP A 900 -15.79 10.30 -2.08
N LYS A 901 -16.12 10.21 -3.37
CA LYS A 901 -15.08 10.31 -4.39
C LYS A 901 -15.68 10.71 -5.73
N LYS A 902 -14.82 11.22 -6.60
CA LYS A 902 -15.17 11.55 -7.99
C LYS A 902 -14.48 10.56 -8.90
N VAL A 903 -15.27 9.85 -9.71
CA VAL A 903 -14.77 8.76 -10.54
C VAL A 903 -14.72 9.27 -11.98
N LEU A 904 -13.52 9.59 -12.45
CA LEU A 904 -13.31 9.92 -13.85
C LEU A 904 -13.24 8.64 -14.66
N TRP A 905 -13.90 8.64 -15.81
CA TRP A 905 -13.86 7.51 -16.73
C TRP A 905 -13.75 8.02 -18.15
N PHE A 906 -13.11 7.23 -19.00
CA PHE A 906 -13.08 7.52 -20.43
C PHE A 906 -13.04 6.19 -21.19
N ASP A 907 -13.89 6.07 -22.23
CA ASP A 907 -14.06 4.85 -23.06
C ASP A 907 -13.56 5.20 -24.47
N SER A 908 -12.51 4.55 -24.96
CA SER A 908 -11.91 4.81 -26.26
C SER A 908 -11.90 3.53 -27.08
N HIS A 909 -11.81 3.69 -28.40
CA HIS A 909 -11.70 2.54 -29.29
C HIS A 909 -10.25 2.07 -29.35
N HIS A 910 -10.09 0.76 -29.53
CA HIS A 910 -8.75 0.19 -29.54
C HIS A 910 -7.93 0.63 -30.74
N ILE A 911 -8.58 1.09 -31.81
CA ILE A 911 -7.88 1.56 -33.00
C ILE A 911 -7.02 2.78 -32.72
N LEU A 912 -7.16 3.36 -31.51
CA LEU A 912 -6.49 4.59 -31.17
C LEU A 912 -5.68 4.49 -29.87
N LEU A 913 -6.17 3.70 -28.91
CA LEU A 913 -5.56 3.65 -27.57
C LEU A 913 -5.02 2.24 -27.31
N ASP A 914 -3.74 2.04 -27.59
CA ASP A 914 -3.08 0.78 -27.24
C ASP A 914 -2.44 0.93 -25.85
N GLY A 915 -1.60 -0.03 -25.47
CA GLY A 915 -1.10 -0.08 -24.10
C GLY A 915 -0.17 1.07 -23.77
N LEU A 916 0.82 1.32 -24.64
CA LEU A 916 1.76 2.41 -24.38
C LEU A 916 1.09 3.76 -24.56
N SER A 917 0.14 3.86 -25.50
CA SER A 917 -0.62 5.10 -25.64
C SER A 917 -1.34 5.45 -24.34
N LYS A 918 -1.81 4.44 -23.61
CA LYS A 918 -2.47 4.69 -22.33
C LYS A 918 -1.48 5.28 -21.33
N SER A 919 -0.23 4.84 -21.36
CA SER A 919 0.78 5.42 -20.47
C SER A 919 1.06 6.87 -20.83
N ILE A 920 1.12 7.18 -22.12
CA ILE A 920 1.33 8.55 -22.54
C ILE A 920 0.15 9.43 -22.15
N LEU A 921 -1.06 8.92 -22.43
CA LEU A 921 -2.34 9.61 -22.17
C LEU A 921 -2.42 9.89 -20.67
N ALA A 922 -1.81 9.02 -19.86
CA ALA A 922 -1.80 9.19 -18.40
C ALA A 922 -0.74 10.19 -17.96
N ARG A 923 0.45 10.11 -18.54
CA ARG A 923 1.53 11.02 -18.16
C ARG A 923 1.15 12.47 -18.42
N GLU A 924 0.54 12.75 -19.57
CA GLU A 924 0.23 14.13 -19.92
C GLU A 924 -0.95 14.65 -19.12
N LEU A 925 -1.99 13.83 -18.94
CA LEU A 925 -3.13 14.25 -18.13
C LEU A 925 -2.68 14.63 -16.72
N GLN A 926 -1.79 13.83 -16.12
CA GLN A 926 -1.29 14.18 -14.79
C GLN A 926 -0.55 15.50 -14.79
N ALA A 927 0.16 15.80 -15.89
CA ALA A 927 0.91 17.05 -15.96
C ALA A 927 -0.01 18.23 -16.23
N LEU A 928 -1.04 18.04 -17.08
CA LEU A 928 -2.00 19.11 -17.32
C LEU A 928 -2.77 19.45 -16.06
N LEU A 929 -3.11 18.42 -15.26
CA LEU A 929 -3.77 18.64 -13.99
C LEU A 929 -2.86 19.28 -12.96
N GLY A 930 -1.55 19.21 -13.16
CA GLY A 930 -0.58 19.86 -12.30
C GLY A 930 -0.12 21.21 -12.79
N GLN A 931 -0.76 21.77 -13.82
CA GLN A 931 -0.42 23.09 -14.34
C GLN A 931 1.03 23.13 -14.81
N GLN A 932 1.32 22.31 -15.82
CA GLN A 932 2.63 22.26 -16.45
C GLN A 932 2.43 22.33 -17.96
N VAL A 933 3.43 22.87 -18.66
CA VAL A 933 3.32 23.11 -20.09
C VAL A 933 3.96 21.96 -20.85
N LEU A 934 3.35 21.57 -21.98
CA LEU A 934 3.81 20.44 -22.80
C LEU A 934 4.24 20.99 -24.17
N SER A 935 5.48 20.79 -24.59
CA SER A 935 5.95 21.16 -25.92
C SER A 935 5.18 20.36 -26.97
N PRO A 936 4.87 20.96 -28.12
CA PRO A 936 4.03 20.27 -29.11
C PRO A 936 4.65 18.94 -29.53
N VAL A 937 3.79 18.00 -29.90
CA VAL A 937 4.24 16.70 -30.37
C VAL A 937 4.97 16.87 -31.70
N GLU A 938 6.10 16.20 -31.83
CA GLU A 938 6.90 16.33 -33.06
C GLU A 938 6.25 15.58 -34.21
N LYS A 939 6.12 14.27 -34.09
CA LYS A 939 5.64 13.41 -35.19
C LYS A 939 4.15 13.16 -35.08
N THR A 940 3.57 12.52 -36.08
CA THR A 940 2.16 12.13 -36.16
C THR A 940 2.08 10.68 -36.60
N TYR A 941 0.96 10.04 -36.24
CA TYR A 941 0.77 8.64 -36.59
C TYR A 941 0.74 8.44 -38.10
N LYS A 942 0.14 9.39 -38.82
CA LYS A 942 0.20 9.41 -40.28
C LYS A 942 1.56 9.00 -40.80
N SER A 943 2.60 9.73 -40.37
CA SER A 943 3.93 9.57 -40.93
C SER A 943 4.47 8.17 -40.69
N PHE A 944 4.10 7.55 -39.57
CA PHE A 944 4.53 6.18 -39.32
C PHE A 944 3.77 5.19 -40.20
N ALA A 945 2.49 5.45 -40.44
CA ALA A 945 1.70 4.58 -41.30
C ALA A 945 2.32 4.51 -42.70
N ARG A 946 2.61 5.66 -43.28
CA ARG A 946 3.24 5.69 -44.60
C ARG A 946 4.62 5.04 -44.55
N TRP A 947 5.43 5.38 -43.55
CA TRP A 947 6.76 4.80 -43.44
C TRP A 947 6.69 3.27 -43.34
N GLN A 948 5.69 2.76 -42.62
CA GLN A 948 5.59 1.31 -42.44
C GLN A 948 5.09 0.62 -43.70
N ASN A 949 4.12 1.23 -44.38
CA ASN A 949 3.60 0.64 -45.61
C ASN A 949 4.70 0.52 -46.67
N GLU A 950 5.44 1.61 -46.90
CA GLU A 950 6.53 1.56 -47.85
C GLU A 950 7.62 0.58 -47.43
N TRP A 951 7.74 0.31 -46.13
CA TRP A 951 8.71 -0.67 -45.64
C TRP A 951 8.29 -2.11 -45.91
N PHE A 952 6.99 -2.36 -46.11
CA PHE A 952 6.53 -3.70 -46.45
C PHE A 952 7.15 -4.21 -47.75
N ALA A 953 7.57 -3.31 -48.64
CA ALA A 953 8.13 -3.70 -49.92
C ALA A 953 9.63 -3.94 -49.87
N SER A 954 10.24 -3.85 -48.71
CA SER A 954 11.69 -4.00 -48.60
C SER A 954 12.07 -5.47 -48.50
N ASP A 955 13.39 -5.72 -48.47
CA ASP A 955 13.88 -7.09 -48.31
C ASP A 955 13.69 -7.58 -46.89
N GLU A 956 13.89 -6.70 -45.90
CA GLU A 956 13.78 -7.11 -44.51
C GLU A 956 12.38 -7.63 -44.19
N TYR A 957 11.35 -7.11 -44.85
CA TYR A 957 10.01 -7.63 -44.66
C TYR A 957 9.87 -9.02 -45.26
N GLU A 958 10.36 -9.20 -46.49
CA GLU A 958 10.36 -10.52 -47.10
C GLU A 958 11.09 -11.54 -46.23
N GLN A 959 12.15 -11.10 -45.54
CA GLN A 959 12.84 -11.99 -44.61
C GLN A 959 11.94 -12.37 -43.45
N GLN A 960 11.33 -11.37 -42.80
CA GLN A 960 10.51 -11.64 -41.62
C GLN A 960 9.33 -12.55 -41.97
N ILE A 961 8.61 -12.23 -43.04
CA ILE A 961 7.44 -13.02 -43.40
C ILE A 961 7.84 -14.46 -43.74
N ALA A 962 9.06 -14.66 -44.22
CA ALA A 962 9.51 -16.01 -44.54
C ALA A 962 9.68 -16.85 -43.27
N TYR A 963 10.13 -16.23 -42.18
CA TYR A 963 10.28 -16.97 -40.92
C TYR A 963 8.97 -17.64 -40.52
N TRP A 964 7.85 -16.92 -40.66
CA TRP A 964 6.57 -17.46 -40.24
C TRP A 964 6.08 -18.52 -41.23
N LYS A 965 6.34 -18.34 -42.53
CA LYS A 965 5.97 -19.34 -43.51
C LYS A 965 6.55 -20.70 -43.15
N THR A 966 7.83 -20.73 -42.78
CA THR A 966 8.50 -21.98 -42.46
C THR A 966 8.14 -22.49 -41.07
N LEU A 967 7.83 -21.59 -40.13
CA LEU A 967 7.53 -22.00 -38.77
C LEU A 967 6.15 -22.63 -38.67
N LEU A 968 5.19 -22.12 -39.44
CA LEU A 968 3.79 -22.49 -39.30
C LEU A 968 3.29 -23.35 -40.45
N GLN A 969 4.18 -23.97 -41.21
CA GLN A 969 3.76 -24.79 -42.33
C GLN A 969 3.36 -26.20 -41.89
N GLY A 970 4.06 -26.75 -40.91
CA GLY A 970 3.82 -28.11 -40.48
C GLY A 970 2.59 -28.24 -39.59
N GLU A 971 2.40 -29.45 -39.07
CA GLU A 971 1.33 -29.70 -38.12
C GLU A 971 1.52 -28.84 -36.88
N LEU A 972 0.45 -28.21 -36.42
CA LEU A 972 0.54 -27.35 -35.25
C LEU A 972 -0.04 -28.04 -34.03
N PRO A 973 0.59 -27.88 -32.87
CA PRO A 973 0.03 -28.48 -31.65
C PRO A 973 -1.27 -27.78 -31.24
N ALA A 974 -2.32 -28.56 -31.02
CA ALA A 974 -3.60 -28.06 -30.56
C ALA A 974 -3.66 -28.23 -29.05
N VAL A 975 -3.62 -27.12 -28.32
CA VAL A 975 -3.77 -27.16 -26.87
C VAL A 975 -5.25 -27.32 -26.53
N GLN A 976 -5.56 -28.33 -25.72
CA GLN A 976 -6.90 -28.49 -25.15
C GLN A 976 -6.88 -27.99 -23.72
N LEU A 977 -7.79 -27.08 -23.42
CA LEU A 977 -7.99 -26.65 -22.04
C LEU A 977 -9.16 -27.40 -21.43
N PRO A 978 -9.21 -27.49 -20.11
CA PRO A 978 -10.34 -28.18 -19.45
C PRO A 978 -11.57 -27.29 -19.35
N THR A 979 -12.40 -27.29 -20.39
CA THR A 979 -13.54 -26.40 -20.46
C THR A 979 -14.84 -27.19 -20.42
N LYS A 980 -15.93 -26.46 -20.20
CA LYS A 980 -17.26 -27.02 -20.45
C LYS A 980 -17.45 -27.22 -21.94
N LYS A 981 -18.59 -27.80 -22.32
CA LYS A 981 -18.89 -28.01 -23.72
C LYS A 981 -18.79 -26.71 -24.49
N ARG A 982 -18.00 -26.72 -25.56
CA ARG A 982 -17.74 -25.49 -26.30
C ARG A 982 -19.02 -25.01 -27.01
N PRO A 983 -19.31 -23.72 -26.99
CA PRO A 983 -20.39 -23.21 -27.84
C PRO A 983 -20.11 -23.54 -29.29
N PRO A 984 -21.17 -23.69 -30.11
CA PRO A 984 -20.94 -24.05 -31.51
C PRO A 984 -20.31 -22.95 -32.33
N GLN A 985 -20.34 -21.70 -31.87
CA GLN A 985 -19.74 -20.58 -32.56
C GLN A 985 -18.83 -19.84 -31.59
N LEU A 986 -17.98 -18.97 -32.13
CA LEU A 986 -17.12 -18.15 -31.30
C LEU A 986 -17.96 -17.21 -30.44
N THR A 987 -17.85 -17.36 -29.13
CA THR A 987 -18.51 -16.49 -28.17
C THR A 987 -17.48 -15.60 -27.49
N PHE A 988 -17.97 -14.47 -26.95
CA PHE A 988 -17.09 -13.49 -26.32
C PHE A 988 -17.58 -13.05 -24.95
N ASP A 989 -18.55 -13.75 -24.37
CA ASP A 989 -18.95 -13.46 -23.00
C ASP A 989 -17.82 -13.81 -22.05
N GLY A 990 -17.45 -12.86 -21.18
CA GLY A 990 -16.26 -13.01 -20.39
C GLY A 990 -16.44 -12.53 -18.96
N ALA A 991 -15.50 -12.95 -18.11
CA ALA A 991 -15.41 -12.50 -16.73
C ALA A 991 -13.93 -12.50 -16.34
N ILE A 992 -13.65 -12.08 -15.10
CA ILE A 992 -12.27 -11.87 -14.68
C ILE A 992 -12.07 -12.37 -13.24
N GLN A 993 -10.91 -12.99 -13.00
CA GLN A 993 -10.40 -13.27 -11.68
C GLN A 993 -8.96 -12.77 -11.60
N MET A 994 -8.55 -12.36 -10.40
CA MET A 994 -7.26 -11.71 -10.21
C MET A 994 -6.45 -12.44 -9.15
N TYR A 995 -5.20 -12.75 -9.49
CA TYR A 995 -4.27 -13.41 -8.58
C TYR A 995 -3.09 -12.48 -8.31
N ARG A 996 -2.78 -12.29 -7.03
CA ARG A 996 -1.80 -11.31 -6.58
C ARG A 996 -0.54 -12.02 -6.11
N VAL A 997 0.59 -11.68 -6.73
CA VAL A 997 1.90 -12.17 -6.30
C VAL A 997 2.51 -11.09 -5.43
N ASN A 998 2.67 -11.38 -4.13
CA ASN A 998 3.10 -10.37 -3.19
C ASN A 998 4.49 -9.86 -3.53
N PRO A 999 4.92 -8.73 -2.95
CA PRO A 999 6.24 -8.18 -3.32
C PRO A 999 7.39 -9.15 -3.07
N GLU A 1000 7.36 -9.89 -1.96
CA GLU A 1000 8.46 -10.80 -1.64
C GLU A 1000 8.69 -11.81 -2.75
N ILE A 1001 7.61 -12.45 -3.22
CA ILE A 1001 7.74 -13.46 -4.28
C ILE A 1001 8.13 -12.80 -5.59
N THR A 1002 7.50 -11.66 -5.91
CA THR A 1002 7.87 -10.92 -7.12
C THR A 1002 9.35 -10.55 -7.08
N ARG A 1003 9.88 -10.20 -5.93
CA ARG A 1003 11.29 -9.79 -5.82
C ARG A 1003 12.13 -11.01 -6.17
N LYS A 1004 11.76 -12.18 -5.71
CA LYS A 1004 12.50 -13.39 -6.03
C LYS A 1004 12.43 -13.72 -7.52
N LEU A 1005 11.24 -13.60 -8.11
CA LEU A 1005 11.09 -13.89 -9.53
C LEU A 1005 12.02 -13.03 -10.37
N LYS A 1006 12.06 -11.71 -10.09
CA LYS A 1006 12.88 -10.81 -10.87
C LYS A 1006 14.36 -11.10 -10.69
N ALA A 1007 14.78 -11.40 -9.46
CA ALA A 1007 16.18 -11.72 -9.21
C ALA A 1007 16.59 -12.98 -9.96
N THR A 1008 15.74 -14.01 -9.93
CA THR A 1008 16.06 -15.26 -10.61
C THR A 1008 16.25 -15.06 -12.10
N ALA A 1009 15.34 -14.32 -12.73
CA ALA A 1009 15.45 -14.06 -14.17
C ALA A 1009 16.75 -13.36 -14.52
N ALA A 1010 17.05 -12.25 -13.83
CA ALA A 1010 18.25 -11.48 -14.14
C ALA A 1010 19.51 -12.33 -13.93
N LYS A 1011 19.53 -13.13 -12.88
CA LYS A 1011 20.69 -13.97 -12.58
C LYS A 1011 20.97 -14.98 -13.69
N HIS A 1012 19.99 -15.27 -14.55
CA HIS A 1012 20.14 -16.28 -15.59
C HIS A 1012 19.82 -15.71 -16.97
N ASP A 1013 20.10 -14.43 -17.18
CA ASP A 1013 20.02 -13.82 -18.51
C ASP A 1013 18.60 -13.82 -19.06
N LEU A 1014 17.61 -13.62 -18.17
CA LEU A 1014 16.21 -13.67 -18.56
C LEU A 1014 15.48 -12.42 -18.10
N THR A 1015 14.53 -11.98 -18.92
CA THR A 1015 13.59 -10.96 -18.49
C THR A 1015 12.47 -11.60 -17.68
N LEU A 1016 11.73 -10.77 -16.95
CA LEU A 1016 10.60 -11.29 -16.18
C LEU A 1016 9.54 -11.88 -17.11
N TYR A 1017 9.29 -11.21 -18.23
CA TYR A 1017 8.35 -11.73 -19.22
C TYR A 1017 8.75 -13.14 -19.66
N MET A 1018 10.03 -13.34 -19.98
CA MET A 1018 10.49 -14.66 -20.40
C MET A 1018 10.22 -15.70 -19.34
N LEU A 1019 10.44 -15.35 -18.07
CA LEU A 1019 10.22 -16.31 -16.98
C LEU A 1019 8.74 -16.63 -16.83
N MET A 1020 7.89 -15.60 -16.78
CA MET A 1020 6.46 -15.84 -16.63
C MET A 1020 5.90 -16.61 -17.82
N LEU A 1021 6.38 -16.31 -19.02
CA LEU A 1021 5.93 -17.03 -20.21
C LEU A 1021 6.22 -18.52 -20.08
N THR A 1022 7.36 -18.87 -19.49
CA THR A 1022 7.72 -20.28 -19.34
C THR A 1022 6.83 -20.97 -18.30
N ILE A 1023 6.54 -20.29 -17.20
CA ILE A 1023 5.61 -20.84 -16.21
C ILE A 1023 4.25 -21.07 -16.85
N VAL A 1024 3.80 -20.10 -17.66
CA VAL A 1024 2.49 -20.23 -18.30
C VAL A 1024 2.48 -21.38 -19.30
N SER A 1025 3.53 -21.48 -20.12
CA SER A 1025 3.58 -22.55 -21.10
C SER A 1025 3.60 -23.92 -20.42
N ILE A 1026 4.37 -24.05 -19.35
CA ILE A 1026 4.37 -25.30 -18.59
C ILE A 1026 3.00 -25.56 -18.00
N TRP A 1027 2.35 -24.51 -17.48
CA TRP A 1027 1.00 -24.64 -16.95
C TRP A 1027 0.05 -25.20 -18.00
N LEU A 1028 0.10 -24.66 -19.21
CA LEU A 1028 -0.74 -25.17 -20.29
C LEU A 1028 -0.34 -26.58 -20.69
N SER A 1029 0.96 -26.90 -20.60
CA SER A 1029 1.43 -28.24 -20.89
C SER A 1029 0.84 -29.25 -19.91
N LYS A 1030 0.99 -28.98 -18.61
CA LYS A 1030 0.48 -29.90 -17.60
C LYS A 1030 -1.01 -30.15 -17.77
N MET A 1031 -1.77 -29.17 -18.25
CA MET A 1031 -3.18 -29.35 -18.51
C MET A 1031 -3.45 -30.10 -19.81
N ASN A 1032 -2.41 -30.38 -20.59
CA ASN A 1032 -2.53 -31.13 -21.85
C ASN A 1032 -1.80 -32.47 -21.75
N SER A 1033 -1.90 -33.12 -20.60
CA SER A 1033 -1.22 -34.40 -20.36
C SER A 1033 0.26 -34.29 -20.71
N ASP A 1034 0.87 -33.17 -20.35
CA ASP A 1034 2.32 -32.96 -20.47
C ASP A 1034 2.77 -33.04 -21.93
N SER A 1035 2.14 -32.24 -22.78
CA SER A 1035 2.52 -32.19 -24.18
C SER A 1035 3.90 -31.55 -24.36
N ASN A 1036 4.59 -31.93 -25.44
CA ASN A 1036 5.91 -31.40 -25.71
C ASN A 1036 5.86 -29.98 -26.27
N GLN A 1037 4.78 -29.62 -26.95
CA GLN A 1037 4.64 -28.31 -27.56
C GLN A 1037 3.33 -27.68 -27.14
N VAL A 1038 3.36 -26.35 -27.03
CA VAL A 1038 2.16 -25.55 -26.78
C VAL A 1038 2.24 -24.34 -27.68
N ILE A 1039 1.07 -23.83 -28.07
CA ILE A 1039 0.97 -22.65 -28.91
C ILE A 1039 0.07 -21.65 -28.19
N LEU A 1040 0.57 -20.44 -28.02
CA LEU A 1040 -0.19 -19.37 -27.37
C LEU A 1040 0.16 -18.06 -28.03
N GLY A 1041 -0.69 -17.07 -27.82
CA GLY A 1041 -0.49 -15.75 -28.38
C GLY A 1041 0.14 -14.81 -27.37
N THR A 1042 0.74 -13.74 -27.89
CA THR A 1042 1.22 -12.65 -27.04
C THR A 1042 1.04 -11.34 -27.80
N VAL A 1043 1.50 -10.25 -27.18
CA VAL A 1043 1.37 -8.92 -27.75
C VAL A 1043 2.72 -8.23 -27.63
N THR A 1044 3.05 -7.41 -28.63
CA THR A 1044 4.33 -6.72 -28.67
C THR A 1044 4.12 -5.23 -28.85
N ASP A 1045 5.17 -4.46 -28.55
CA ASP A 1045 5.17 -3.01 -28.73
C ASP A 1045 4.48 -2.60 -30.03
N GLY A 1046 5.01 -3.08 -31.15
CA GLY A 1046 4.64 -2.56 -32.45
C GLY A 1046 5.28 -1.23 -32.78
N ARG A 1047 6.07 -0.65 -31.88
CA ARG A 1047 6.68 0.65 -32.09
C ARG A 1047 7.95 0.46 -32.91
N GLN A 1048 7.74 0.30 -34.22
CA GLN A 1048 8.83 -0.09 -35.10
C GLN A 1048 9.82 1.04 -35.32
N HIS A 1049 9.33 2.26 -35.50
CA HIS A 1049 10.24 3.38 -35.66
C HIS A 1049 10.55 4.03 -34.31
N PRO A 1050 11.78 4.48 -34.07
CA PRO A 1050 12.09 5.07 -32.76
C PRO A 1050 11.34 6.35 -32.46
N ASP A 1051 10.85 7.06 -33.47
CA ASP A 1051 10.20 8.35 -33.27
C ASP A 1051 8.71 8.22 -33.00
N THR A 1052 8.22 7.02 -32.72
CA THR A 1052 6.82 6.80 -32.40
C THR A 1052 6.58 6.56 -30.91
N ARG A 1053 7.62 6.65 -30.09
CA ARG A 1053 7.51 6.34 -28.67
C ARG A 1053 6.61 7.29 -27.91
N GLU A 1054 6.19 8.41 -28.51
CA GLU A 1054 5.38 9.40 -27.83
C GLU A 1054 4.08 9.69 -28.57
N LEU A 1055 3.68 8.83 -29.48
CA LEU A 1055 2.48 9.05 -30.29
C LEU A 1055 1.30 8.28 -29.73
N LEU A 1056 0.11 8.82 -29.99
CA LEU A 1056 -1.14 8.15 -29.66
C LEU A 1056 -1.66 7.40 -30.87
N GLY A 1057 -1.94 6.13 -30.70
CA GLY A 1057 -2.41 5.30 -31.79
C GLY A 1057 -2.18 3.85 -31.48
N MET A 1058 -2.72 3.00 -32.35
CA MET A 1058 -2.63 1.56 -32.19
C MET A 1058 -1.39 1.04 -32.90
N PHE A 1059 -0.43 0.51 -32.12
CA PHE A 1059 0.75 -0.12 -32.67
C PHE A 1059 0.86 -1.59 -32.35
N VAL A 1060 0.27 -2.05 -31.24
CA VAL A 1060 0.48 -3.42 -30.78
C VAL A 1060 0.23 -4.40 -31.92
N ASN A 1061 1.05 -5.44 -31.96
CA ASN A 1061 0.91 -6.53 -32.92
C ASN A 1061 0.72 -7.83 -32.16
N THR A 1062 -0.03 -8.76 -32.76
CA THR A 1062 -0.31 -10.05 -32.16
C THR A 1062 0.58 -11.11 -32.80
N LEU A 1063 1.25 -11.90 -31.95
CA LEU A 1063 2.18 -12.91 -32.42
C LEU A 1063 1.81 -14.28 -31.87
N PRO A 1064 1.90 -15.33 -32.69
CA PRO A 1064 1.78 -16.69 -32.14
C PRO A 1064 3.14 -17.21 -31.69
N LEU A 1065 3.22 -17.69 -30.45
CA LEU A 1065 4.45 -18.24 -29.90
C LEU A 1065 4.33 -19.76 -29.88
N LEU A 1066 5.16 -20.43 -30.67
CA LEU A 1066 5.20 -21.89 -30.71
C LEU A 1066 6.37 -22.34 -29.84
N LEU A 1067 6.06 -22.88 -28.67
CA LEU A 1067 7.07 -23.23 -27.68
C LEU A 1067 7.10 -24.72 -27.45
N SER A 1068 8.23 -25.19 -26.94
CA SER A 1068 8.46 -26.60 -26.64
C SER A 1068 8.86 -26.74 -25.17
N ILE A 1069 8.29 -27.74 -24.50
CA ILE A 1069 8.56 -28.01 -23.10
C ILE A 1069 9.09 -29.44 -22.98
N ASP A 1070 10.27 -29.60 -22.40
CA ASP A 1070 10.88 -30.91 -22.17
C ASP A 1070 10.75 -31.21 -20.68
N HIS A 1071 9.77 -32.05 -20.34
CA HIS A 1071 9.51 -32.34 -18.92
C HIS A 1071 10.62 -33.13 -18.26
N GLU A 1072 11.52 -33.74 -19.04
CA GLU A 1072 12.65 -34.45 -18.47
C GLU A 1072 13.78 -33.52 -18.05
N GLU A 1073 13.81 -32.31 -18.58
CA GLU A 1073 14.87 -31.35 -18.28
C GLU A 1073 14.45 -30.43 -17.13
N SER A 1074 15.44 -29.68 -16.63
CA SER A 1074 15.20 -28.80 -15.50
C SER A 1074 14.38 -27.59 -15.91
N PHE A 1075 13.79 -26.93 -14.92
CA PHE A 1075 13.09 -25.67 -15.15
C PHE A 1075 14.02 -24.66 -15.82
N LEU A 1076 15.28 -24.60 -15.36
CA LEU A 1076 16.25 -23.69 -15.96
C LEU A 1076 16.44 -23.97 -17.44
N HIS A 1077 16.58 -25.25 -17.80
CA HIS A 1077 16.80 -25.61 -19.19
C HIS A 1077 15.63 -25.18 -20.07
N ASN A 1078 14.40 -25.30 -19.55
CA ASN A 1078 13.24 -24.89 -20.33
C ASN A 1078 13.19 -23.38 -20.49
N LEU A 1079 13.57 -22.63 -19.44
CA LEU A 1079 13.64 -21.18 -19.55
C LEU A 1079 14.54 -20.78 -20.72
N GLN A 1080 15.71 -21.42 -20.83
CA GLN A 1080 16.64 -21.10 -21.91
C GLN A 1080 16.06 -21.45 -23.27
N GLN A 1081 15.32 -22.57 -23.35
CA GLN A 1081 14.74 -22.97 -24.64
C GLN A 1081 13.62 -22.03 -25.05
N VAL A 1082 12.74 -21.67 -24.11
CA VAL A 1082 11.69 -20.70 -24.42
C VAL A 1082 12.31 -19.39 -24.90
N LYS A 1083 13.39 -18.94 -24.25
CA LYS A 1083 14.09 -17.75 -24.70
C LYS A 1083 14.58 -17.93 -26.13
N ALA A 1084 15.02 -19.14 -26.48
CA ALA A 1084 15.55 -19.37 -27.83
C ALA A 1084 14.47 -19.26 -28.89
N LYS A 1085 13.23 -19.66 -28.57
CA LYS A 1085 12.14 -19.54 -29.53
C LYS A 1085 11.52 -18.14 -29.53
N LEU A 1086 11.60 -17.43 -28.40
CA LEU A 1086 10.96 -16.12 -28.31
C LEU A 1086 11.69 -15.08 -29.14
N LEU A 1087 13.01 -14.98 -28.98
CA LEU A 1087 13.78 -13.95 -29.68
C LEU A 1087 13.58 -13.96 -31.18
N PRO A 1088 13.67 -15.10 -31.88
CA PRO A 1088 13.35 -15.08 -33.33
C PRO A 1088 11.95 -14.58 -33.62
N ALA A 1089 10.97 -14.96 -32.81
CA ALA A 1089 9.61 -14.42 -33.00
C ALA A 1089 9.60 -12.91 -32.85
N LEU A 1090 10.26 -12.39 -31.82
CA LEU A 1090 10.33 -10.94 -31.64
C LEU A 1090 11.22 -10.29 -32.71
N GLN A 1091 12.24 -11.01 -33.18
CA GLN A 1091 13.05 -10.50 -34.29
C GLN A 1091 12.18 -10.20 -35.51
N ASN A 1092 11.21 -11.07 -35.80
CA ASN A 1092 10.33 -10.88 -36.95
C ASN A 1092 8.90 -10.54 -36.51
N GLN A 1093 8.76 -9.60 -35.59
CA GLN A 1093 7.47 -9.28 -35.01
C GLN A 1093 6.66 -8.29 -35.83
N TYR A 1094 7.27 -7.62 -36.80
CA TYR A 1094 6.64 -6.50 -37.49
C TYR A 1094 5.89 -6.93 -38.73
N VAL A 1095 5.47 -8.19 -38.80
CA VAL A 1095 4.61 -8.69 -39.87
C VAL A 1095 3.18 -8.65 -39.37
N PRO A 1096 2.26 -8.01 -40.09
CA PRO A 1096 0.86 -7.97 -39.64
C PRO A 1096 0.32 -9.35 -39.34
N PHE A 1097 -0.54 -9.44 -38.32
CA PHE A 1097 -1.10 -10.73 -37.93
C PHE A 1097 -1.90 -11.36 -39.04
N ASP A 1098 -2.60 -10.54 -39.86
CA ASP A 1098 -3.37 -11.09 -40.95
C ASP A 1098 -2.47 -11.74 -42.00
N LYS A 1099 -1.25 -11.25 -42.18
CA LYS A 1099 -0.30 -11.88 -43.07
C LYS A 1099 0.31 -13.14 -42.49
N ILE A 1100 0.36 -13.25 -41.15
CA ILE A 1100 0.86 -14.47 -40.53
C ILE A 1100 -0.17 -15.59 -40.65
N LEU A 1101 -1.46 -15.26 -40.52
CA LEU A 1101 -2.50 -16.25 -40.78
C LEU A 1101 -2.47 -16.68 -42.24
N GLU A 1102 -2.24 -15.73 -43.15
CA GLU A 1102 -2.17 -16.03 -44.57
C GLU A 1102 -0.97 -16.91 -44.91
N ALA A 1103 0.11 -16.80 -44.13
CA ALA A 1103 1.32 -17.57 -44.38
C ALA A 1103 1.30 -18.94 -43.70
N ALA A 1104 0.45 -19.14 -42.71
CA ALA A 1104 0.30 -20.43 -42.06
C ALA A 1104 -0.79 -21.29 -42.71
N ARG A 1105 -1.50 -20.77 -43.71
CA ARG A 1105 -2.60 -21.47 -44.36
C ARG A 1105 -3.68 -21.84 -43.35
N VAL A 1106 -4.11 -20.82 -42.63
CA VAL A 1106 -5.13 -20.98 -41.57
C VAL A 1106 -6.17 -19.87 -41.73
N LYS A 1107 -7.46 -20.17 -41.59
CA LYS A 1107 -8.56 -19.23 -41.74
C LYS A 1107 -9.39 -19.17 -40.47
N ARG A 1108 -10.05 -18.03 -40.25
CA ARG A 1108 -10.88 -17.82 -39.06
C ARG A 1108 -12.19 -18.57 -39.28
N GLU A 1109 -12.23 -19.82 -38.81
CA GLU A 1109 -13.37 -20.69 -39.04
C GLU A 1109 -13.67 -21.51 -37.79
N GLY A 1110 -14.92 -21.94 -37.67
CA GLY A 1110 -15.33 -22.81 -36.60
C GLY A 1110 -15.61 -22.05 -35.31
N ASN A 1111 -15.48 -22.78 -34.20
CA ASN A 1111 -15.70 -22.22 -32.87
C ASN A 1111 -14.40 -22.06 -32.09
N ARG A 1112 -13.28 -21.96 -32.81
CA ARG A 1112 -11.96 -21.78 -32.19
C ARG A 1112 -11.21 -20.70 -32.95
N HIS A 1113 -10.44 -19.90 -32.21
CA HIS A 1113 -9.68 -18.82 -32.83
C HIS A 1113 -8.57 -19.39 -33.72
N PRO A 1114 -8.14 -18.63 -34.74
CA PRO A 1114 -7.23 -19.18 -35.74
C PRO A 1114 -6.05 -20.00 -35.22
N LEU A 1115 -5.10 -19.39 -34.52
CA LEU A 1115 -3.87 -20.09 -34.16
C LEU A 1115 -3.76 -20.47 -32.69
N PHE A 1116 -4.48 -19.79 -31.81
CA PHE A 1116 -4.34 -20.03 -30.38
C PHE A 1116 -5.62 -19.62 -29.68
N ASP A 1117 -5.95 -20.34 -28.62
CA ASP A 1117 -7.09 -20.00 -27.78
C ASP A 1117 -6.70 -19.30 -26.49
N VAL A 1118 -5.40 -19.21 -26.19
CA VAL A 1118 -4.92 -18.63 -24.95
C VAL A 1118 -3.96 -17.48 -25.29
N MET A 1119 -4.15 -16.34 -24.64
CA MET A 1119 -3.35 -15.15 -24.87
C MET A 1119 -2.62 -14.77 -23.58
N PHE A 1120 -1.35 -14.42 -23.70
CA PHE A 1120 -0.52 -14.00 -22.57
C PHE A 1120 0.08 -12.63 -22.85
N MET A 1121 -0.33 -11.64 -22.07
CA MET A 1121 0.18 -10.27 -22.19
C MET A 1121 0.86 -9.86 -20.89
N MET A 1122 1.71 -8.84 -20.98
CA MET A 1122 2.41 -8.34 -19.81
C MET A 1122 2.62 -6.85 -19.94
N GLN A 1123 2.57 -6.16 -18.80
CA GLN A 1123 2.82 -4.72 -18.73
C GLN A 1123 3.81 -4.46 -17.60
N GLY A 1124 4.79 -3.59 -17.87
CA GLY A 1124 5.75 -3.21 -16.87
C GLY A 1124 5.13 -2.28 -15.83
N ALA A 1125 5.98 -1.84 -14.90
CA ALA A 1125 5.52 -0.97 -13.84
C ALA A 1125 5.03 0.35 -14.41
N PRO A 1126 4.09 1.03 -13.75
CA PRO A 1126 3.61 2.31 -14.26
C PRO A 1126 4.69 3.38 -14.25
N GLU A 1127 4.63 4.25 -15.25
CA GLU A 1127 5.58 5.35 -15.34
C GLU A 1127 5.25 6.49 -14.38
N THR A 1128 3.96 6.72 -14.13
CA THR A 1128 3.51 7.81 -13.27
C THR A 1128 2.52 7.27 -12.25
N GLU A 1129 2.24 8.07 -11.23
CA GLU A 1129 1.32 7.64 -10.19
C GLU A 1129 -0.12 7.64 -10.68
N LEU A 1130 -0.49 8.63 -11.50
CA LEU A 1130 -1.83 8.66 -12.06
C LEU A 1130 -2.12 7.38 -12.85
N GLU A 1131 -1.10 6.88 -13.56
CA GLU A 1131 -1.27 5.62 -14.29
C GLU A 1131 -1.49 4.46 -13.32
N SER A 1132 -0.81 4.48 -12.17
CA SER A 1132 -1.03 3.45 -11.16
C SER A 1132 -2.49 3.45 -10.70
N ASN A 1133 -3.10 4.63 -10.60
CA ASN A 1133 -4.49 4.75 -10.16
C ASN A 1133 -5.48 4.53 -11.29
N MET A 1134 -5.03 4.29 -12.51
CA MET A 1134 -5.91 3.89 -13.59
C MET A 1134 -6.27 2.41 -13.45
N HIS A 1135 -7.55 2.10 -13.68
CA HIS A 1135 -8.03 0.73 -13.57
C HIS A 1135 -8.78 0.38 -14.85
N HIS A 1136 -8.26 -0.60 -15.58
CA HIS A 1136 -8.91 -1.05 -16.81
C HIS A 1136 -10.19 -1.78 -16.45
N ILE A 1137 -11.31 -1.28 -16.94
CA ILE A 1137 -12.62 -1.87 -16.66
C ILE A 1137 -12.95 -2.85 -17.77
N ASN A 1138 -13.48 -4.01 -17.36
CA ASN A 1138 -13.89 -5.05 -18.28
C ASN A 1138 -15.41 -5.11 -18.32
N ALA A 1139 -15.98 -5.01 -19.51
CA ALA A 1139 -17.43 -5.05 -19.68
C ALA A 1139 -17.88 -6.43 -20.13
N GLY A 1140 -17.52 -7.43 -19.33
CA GLY A 1140 -17.92 -8.80 -19.56
C GLY A 1140 -17.58 -9.31 -20.95
N ILE A 1141 -16.33 -9.13 -21.36
CA ILE A 1141 -15.86 -9.53 -22.68
C ILE A 1141 -14.62 -10.39 -22.53
N SER A 1142 -14.50 -11.44 -23.35
CA SER A 1142 -13.30 -12.26 -23.40
C SER A 1142 -13.00 -12.52 -24.87
N LYS A 1143 -11.99 -11.83 -25.40
CA LYS A 1143 -11.63 -12.00 -26.81
C LYS A 1143 -11.15 -13.40 -27.12
N PHE A 1144 -10.68 -14.13 -26.12
CA PHE A 1144 -10.17 -15.49 -26.29
C PHE A 1144 -10.75 -16.39 -25.21
N ASP A 1145 -10.45 -17.69 -25.33
CA ASP A 1145 -10.89 -18.63 -24.30
C ASP A 1145 -10.35 -18.22 -22.94
N LEU A 1146 -9.08 -17.84 -22.88
CA LEU A 1146 -8.44 -17.44 -21.63
C LEU A 1146 -7.32 -16.45 -21.94
N THR A 1147 -7.30 -15.35 -21.20
CA THR A 1147 -6.24 -14.35 -21.32
C THR A 1147 -5.62 -14.13 -19.95
N LEU A 1148 -4.30 -14.22 -19.87
CA LEU A 1148 -3.54 -13.88 -18.67
C LEU A 1148 -2.78 -12.60 -18.92
N GLU A 1149 -3.07 -11.56 -18.15
CA GLU A 1149 -2.34 -10.30 -18.21
C GLU A 1149 -1.62 -10.11 -16.88
N VAL A 1150 -0.30 -9.99 -16.94
CA VAL A 1150 0.52 -9.70 -15.77
C VAL A 1150 0.78 -8.20 -15.74
N LEU A 1151 0.35 -7.55 -14.65
CA LEU A 1151 0.59 -6.14 -14.45
C LEU A 1151 1.40 -5.95 -13.17
N GLU A 1152 2.47 -5.18 -13.26
CA GLU A 1152 3.28 -4.84 -12.09
C GLU A 1152 2.65 -3.66 -11.37
N ARG A 1153 2.20 -3.88 -10.14
CA ARG A 1153 1.55 -2.85 -9.34
C ARG A 1153 1.96 -3.02 -7.89
N GLU A 1154 2.24 -1.90 -7.22
CA GLU A 1154 2.61 -1.92 -5.81
C GLU A 1154 3.76 -2.90 -5.54
N ASN A 1155 4.77 -2.86 -6.40
CA ASN A 1155 5.92 -3.76 -6.32
C ASN A 1155 5.53 -5.22 -6.38
N GLY A 1156 4.33 -5.51 -6.87
CA GLY A 1156 3.88 -6.88 -7.02
C GLY A 1156 3.39 -7.17 -8.42
N LEU A 1157 2.80 -8.34 -8.63
CA LEU A 1157 2.23 -8.72 -9.92
C LEU A 1157 0.74 -8.98 -9.74
N ASN A 1158 -0.09 -8.19 -10.41
CA ASN A 1158 -1.52 -8.47 -10.52
C ASN A 1158 -1.74 -9.25 -11.80
N ILE A 1159 -2.04 -10.54 -11.68
CA ILE A 1159 -2.25 -11.41 -12.82
C ILE A 1159 -3.77 -11.54 -13.01
N VAL A 1160 -4.25 -11.02 -14.13
CA VAL A 1160 -5.68 -11.03 -14.44
C VAL A 1160 -5.99 -12.24 -15.31
N PHE A 1161 -7.01 -12.99 -14.91
CA PHE A 1161 -7.49 -14.16 -15.64
C PHE A 1161 -8.81 -13.77 -16.31
N GLU A 1162 -8.72 -13.21 -17.51
CA GLU A 1162 -9.90 -12.94 -18.31
C GLU A 1162 -10.27 -14.19 -19.07
N TYR A 1163 -11.51 -14.67 -18.88
CA TYR A 1163 -11.89 -15.98 -19.38
C TYR A 1163 -13.29 -15.95 -19.96
N ASN A 1164 -13.57 -16.93 -20.81
CA ASN A 1164 -14.87 -17.08 -21.44
C ASN A 1164 -15.84 -17.76 -20.48
N THR A 1165 -17.00 -17.13 -20.25
CA THR A 1165 -17.94 -17.64 -19.27
C THR A 1165 -18.67 -18.89 -19.75
N HIS A 1166 -18.77 -19.12 -21.06
CA HIS A 1166 -19.33 -20.36 -21.56
C HIS A 1166 -18.37 -21.54 -21.42
N LEU A 1167 -17.07 -21.27 -21.33
CA LEU A 1167 -16.07 -22.32 -21.17
C LEU A 1167 -15.68 -22.56 -19.73
N PHE A 1168 -15.84 -21.57 -18.85
CA PHE A 1168 -15.48 -21.68 -17.45
C PHE A 1168 -16.54 -21.00 -16.59
N ASP A 1169 -16.84 -21.59 -15.44
CA ASP A 1169 -17.58 -20.91 -14.38
C ASP A 1169 -16.60 -20.45 -13.30
N GLU A 1170 -17.10 -19.60 -12.39
CA GLU A 1170 -16.23 -19.06 -11.35
C GLU A 1170 -15.50 -20.16 -10.61
N GLY A 1171 -16.15 -21.30 -10.39
CA GLY A 1171 -15.53 -22.42 -9.72
C GLY A 1171 -14.30 -22.94 -10.42
N MET A 1172 -14.44 -23.38 -11.68
CA MET A 1172 -13.32 -23.94 -12.41
C MET A 1172 -12.15 -22.99 -12.46
N ILE A 1173 -12.41 -21.71 -12.79
CA ILE A 1173 -11.32 -20.76 -12.95
C ILE A 1173 -10.59 -20.52 -11.63
N LEU A 1174 -11.32 -20.57 -10.51
CA LEU A 1174 -10.68 -20.38 -9.22
C LEU A 1174 -9.74 -21.54 -8.88
N ARG A 1175 -10.10 -22.76 -9.28
CA ARG A 1175 -9.20 -23.89 -9.06
C ARG A 1175 -8.00 -23.83 -9.99
N MET A 1176 -8.19 -23.33 -11.21
CA MET A 1176 -7.06 -23.15 -12.12
C MET A 1176 -6.08 -22.11 -11.59
N VAL A 1177 -6.61 -21.02 -11.01
CA VAL A 1177 -5.74 -20.01 -10.41
C VAL A 1177 -4.90 -20.64 -9.30
N ALA A 1178 -5.56 -21.35 -8.37
CA ALA A 1178 -4.84 -21.99 -7.28
C ALA A 1178 -3.75 -22.91 -7.83
N GLN A 1179 -4.07 -23.68 -8.88
CA GLN A 1179 -3.06 -24.54 -9.50
C GLN A 1179 -1.92 -23.70 -10.06
N PHE A 1180 -2.24 -22.61 -10.77
CA PHE A 1180 -1.21 -21.76 -11.33
C PHE A 1180 -0.30 -21.22 -10.23
N GLU A 1181 -0.89 -20.72 -9.14
CA GLU A 1181 -0.09 -20.25 -8.02
C GLU A 1181 0.80 -21.35 -7.49
N HIS A 1182 0.22 -22.53 -7.23
CA HIS A 1182 1.00 -23.66 -6.72
C HIS A 1182 2.15 -23.98 -7.66
N LEU A 1183 1.89 -23.96 -8.97
CA LEU A 1183 2.96 -24.21 -9.93
C LEU A 1183 4.02 -23.10 -9.87
N LEU A 1184 3.58 -21.84 -9.73
CA LEU A 1184 4.53 -20.74 -9.67
C LEU A 1184 5.42 -20.85 -8.45
N LEU A 1185 4.82 -21.15 -7.29
CA LEU A 1185 5.61 -21.26 -6.05
C LEU A 1185 6.65 -22.37 -6.17
N GLN A 1186 6.30 -23.51 -6.77
CA GLN A 1186 7.27 -24.57 -6.96
C GLN A 1186 8.37 -24.16 -7.92
N ALA A 1187 8.00 -23.45 -8.99
CA ALA A 1187 8.97 -23.14 -10.05
C ALA A 1187 10.00 -22.12 -9.59
N VAL A 1188 9.62 -21.18 -8.73
CA VAL A 1188 10.55 -20.14 -8.31
C VAL A 1188 11.55 -20.66 -7.29
N HIS A 1189 11.20 -21.73 -6.57
CA HIS A 1189 12.10 -22.37 -5.61
C HIS A 1189 12.78 -23.61 -6.16
N GLY A 1190 12.49 -23.98 -7.39
CA GLY A 1190 12.92 -25.25 -7.94
C GLY A 1190 13.61 -25.11 -9.27
N LEU A 1191 14.58 -24.20 -9.33
CA LEU A 1191 15.20 -23.83 -10.59
C LEU A 1191 15.82 -25.04 -11.29
N ASP A 1192 16.46 -25.91 -10.54
CA ASP A 1192 17.13 -27.09 -11.10
C ASP A 1192 16.28 -28.35 -10.99
N GLN A 1193 15.08 -28.26 -10.44
CA GLN A 1193 14.18 -29.41 -10.40
C GLN A 1193 13.65 -29.71 -11.80
N GLN A 1194 13.57 -31.00 -12.12
CA GLN A 1194 12.99 -31.41 -13.39
C GLN A 1194 11.53 -30.97 -13.47
N VAL A 1195 11.15 -30.42 -14.63
CA VAL A 1195 9.81 -29.85 -14.77
C VAL A 1195 8.74 -30.88 -14.47
N LYS A 1196 9.02 -32.15 -14.74
CA LYS A 1196 8.02 -33.19 -14.50
C LYS A 1196 7.69 -33.34 -13.02
N ARG A 1197 8.59 -32.94 -12.12
CA ARG A 1197 8.31 -33.03 -10.70
C ARG A 1197 7.30 -31.99 -10.25
N PHE A 1198 7.15 -30.88 -10.98
CA PHE A 1198 6.15 -29.89 -10.64
C PHE A 1198 4.75 -30.49 -10.78
N GLU A 1199 3.88 -30.15 -9.83
CA GLU A 1199 2.52 -30.67 -9.82
C GLU A 1199 1.53 -29.53 -9.64
N LEU A 1200 0.34 -29.70 -10.23
CA LEU A 1200 -0.73 -28.74 -10.02
C LEU A 1200 -1.41 -28.94 -8.67
N VAL A 1201 -1.44 -30.18 -8.18
CA VAL A 1201 -2.05 -30.49 -6.89
C VAL A 1201 -1.14 -31.42 -6.11
C02 JQG B . -3.17 -3.83 -24.32
C04 JQG B . -0.90 -4.86 -23.94
C05 JQG B . 0.07 -4.72 -22.76
C07 JQG B . 2.12 -4.68 -24.24
C08 JQG B . 3.49 -5.27 -24.64
C09 JQG B . 4.63 -4.34 -24.20
C11 JQG B . 6.59 -5.64 -25.10
C12 JQG B . 7.85 -6.46 -24.86
C14 JQG B . 7.52 -7.94 -24.67
C15 JQG B . 6.35 -8.10 -23.70
C16 JQG B . 8.74 -8.66 -24.09
C22 JQG B . 7.15 -8.57 -26.00
C25 JQG B . -4.57 -3.54 -23.78
C26 JQG B . -5.61 -4.53 -24.29
C27 JQG B . -5.87 -5.60 -23.23
C28 JQG B . -5.26 -5.17 -25.62
C30 JQG B . -4.48 -1.06 -23.36
N03 JQG B . -2.24 -4.57 -23.48
N06 JQG B . 1.38 -5.26 -23.13
N10 JQG B . 5.84 -5.13 -23.97
N29 JQG B . -4.91 -2.19 -24.18
O01 JQG B . -2.85 -3.46 -25.40
O13 JQG B . 8.70 -6.33 -25.98
O17 JQG B . 9.19 -7.95 -22.96
O19 JQG B . 10.76 -7.79 -20.94
O21 JQG B . 11.07 -9.66 -22.52
O23 JQG B . 6.23 -5.41 -26.20
O24 JQG B . 1.67 -3.76 -24.85
O31 JQG B . -3.88 -1.27 -22.35
P18 JQG B . 10.70 -8.20 -22.40
H041 JQG B . -0.64 -4.24 -24.65
H042 JQG B . -0.85 -5.77 -24.29
H052 JQG B . -0.28 -5.20 -21.99
H051 JQG B . 0.16 -3.78 -22.53
H081 JQG B . 3.51 -5.39 -25.61
H082 JQG B . 3.59 -6.14 -24.22
H092 JQG B . 4.37 -3.88 -23.39
H091 JQG B . 4.79 -3.69 -24.90
H121 JQG B . 8.29 -6.13 -24.06
H153 JQG B . 5.52 -7.89 -24.17
H152 JQG B . 6.47 -7.50 -22.95
H151 JQG B . 6.31 -9.02 -23.38
H162 JQG B . 9.46 -8.67 -24.76
H161 JQG B . 8.51 -9.56 -23.85
H223 JQG B . 6.41 -8.08 -26.40
H222 JQG B . 6.89 -9.50 -25.86
H221 JQG B . 7.91 -8.53 -26.60
H251 JQG B . -4.57 -3.63 -22.81
H261 JQG B . -6.42 -4.01 -24.46
H273 JQG B . -5.04 -5.84 -22.78
H272 JQG B . -6.25 -6.39 -23.65
H271 JQG B . -6.50 -5.26 -22.56
H283 JQG B . -4.66 -5.91 -25.47
H282 JQG B . -4.83 -4.51 -26.19
H281 JQG B . -6.06 -5.49 -26.04
H301 JQG B . -4.69 -0.19 -23.61
H031 JQG B . -2.49 -4.83 -22.69
H061 JQG B . 1.71 -5.93 -22.69
H101 JQG B . 6.11 -5.28 -23.17
H291 JQG B . -5.35 -2.05 -24.90
H131 JQG B . 8.93 -5.52 -26.06
N1 FON C . -38.89 12.10 2.00
C2 FON C . -39.66 11.87 3.28
NA2 FON C . -40.54 12.92 3.78
N3 FON C . -39.54 10.75 3.92
C4 FON C . -38.67 9.69 3.42
O4 FON C . -38.57 8.66 4.02
C4A FON C . -37.92 9.90 2.17
N5 FON C . -36.96 8.81 1.61
C6 FON C . -35.86 9.33 0.77
C7 FON C . -36.44 10.32 -0.11
N8 FON C . -37.30 11.27 0.30
C8A FON C . -38.03 11.06 1.51
C9 FON C . -34.92 10.05 1.74
N10 FON C . -33.73 10.42 1.02
C11 FON C . -31.04 13.21 2.59
C12 FON C . -30.80 12.64 1.35
C13 FON C . -31.69 11.72 0.84
C14 FON C . -32.82 11.39 1.57
C15 FON C . -33.06 11.96 2.81
C16 FON C . -32.17 12.88 3.33
C FON C . -30.06 14.22 3.15
O FON C . -29.79 15.20 2.54
N FON C . -29.45 13.94 4.43
CA FON C . -28.51 14.88 5.00
CB FON C . -29.12 15.49 6.25
CG FON C . -30.61 15.76 6.04
CD FON C . -30.97 17.08 6.73
OE1 FON C . -31.75 17.08 7.72
OE2 FON C . -30.47 18.15 6.31
CT FON C . -27.22 14.14 5.31
O1 FON C . -27.20 12.88 5.33
O2 FON C . -26.17 14.79 5.56
CP1 FON C . -37.12 7.39 1.88
O3 FON C . -36.34 6.61 1.42
HN1 FON C . -38.97 12.84 1.59
HN21 FON C . -40.62 13.65 3.34
HN22 FON C . -40.97 12.80 4.52
H61 FON C . -35.40 8.64 0.26
H7 FON C . -36.92 9.80 -0.79
HC72 FON C . -35.70 10.77 -0.52
HN8 FON C . -37.40 12.00 -0.16
H91 FON C . -34.68 9.46 2.47
H92 FON C . -35.34 10.84 2.10
HN0 FON C . -33.57 10.07 0.24
H12 FON C . -30.03 12.86 0.87
H13 FON C . -31.54 11.33 0.02
H15 FON C . -33.82 11.73 3.29
H16 FON C . -32.32 13.27 4.16
HN FON C . -29.65 13.22 4.85
HA FON C . -28.31 15.59 4.36
HB1 FON C . -28.67 16.32 6.45
HB2 FON C . -29.01 14.87 6.98
HG1 FON C . -30.80 15.82 5.09
HG2 FON C . -31.14 15.03 6.42
HCP1 FON C . -37.82 7.08 2.41
PG APC D . 13.35 11.62 18.49
O1G APC D . 14.17 11.67 19.81
O2G APC D . 11.84 11.82 18.84
O3G APC D . 13.81 12.74 17.54
PB APC D . 12.65 8.78 18.18
O1B APC D . 11.26 8.91 17.54
O2B APC D . 13.29 7.52 17.72
O3B APC D . 13.58 10.12 17.77
PA APC D . 11.38 7.22 20.55
O1A APC D . 12.02 6.65 21.72
O2A APC D . 9.96 7.65 20.88
C3A APC D . 12.43 8.72 20.03
O5' APC D . 11.37 6.13 19.33
C5' APC D . 10.11 5.62 18.81
C4' APC D . 10.24 5.46 17.31
O4' APC D . 11.43 4.41 16.95
C3' APC D . 9.13 4.97 16.81
O3' APC D . 8.25 6.03 16.27
C2' APC D . 9.60 4.06 15.66
O2' APC D . 9.89 4.79 14.54
C1' APC D . 10.90 3.46 16.22
N9 APC D . 10.63 2.24 17.08
C8 APC D . 10.39 2.20 18.40
N7 APC D . 10.20 0.93 18.76
C5 APC D . 10.34 0.13 17.64
C6 APC D . 10.26 -1.27 17.39
N6 APC D . 9.97 -2.24 18.48
N1 APC D . 10.46 -1.71 16.13
C2 APC D . 10.72 -0.87 15.13
N3 APC D . 10.81 0.45 15.35
C4 APC D . 10.62 0.97 16.59
H3A1 APC D . 13.30 8.66 20.45
H3A2 APC D . 11.99 9.53 20.33
H5'1 APC D . 9.91 4.77 19.22
H5'2 APC D . 9.40 6.26 19.00
H4' APC D . 10.44 6.30 16.89
H3' APC D . 8.64 4.46 17.48
HO3' APC D . 7.45 5.90 16.51
H2' APC D . 8.94 3.38 15.44
HO2' APC D . 9.59 4.38 13.86
H1' APC D . 11.49 3.22 15.49
H8 APC D . 10.34 2.94 18.97
HN61 APC D . 10.57 -2.42 19.07
HN62 APC D . 9.20 -2.61 18.53
H2 APC D . 10.86 -1.20 14.28
N VAL E . 11.35 1.18 23.01
CA VAL E . 10.65 2.39 23.52
C VAL E . 10.87 3.55 22.54
O VAL E . 11.02 3.26 21.33
CB VAL E . 11.12 2.77 24.94
CG1 VAL E . 10.93 1.62 25.91
CG2 VAL E . 12.57 3.24 24.94
OXT VAL E . 10.90 4.70 22.96
HA VAL E . 9.69 2.20 23.55
HB VAL E . 10.56 3.52 25.24
HG11 VAL E . 11.20 1.90 26.81
HG12 VAL E . 10.00 1.35 25.94
HG13 VAL E . 11.48 0.87 25.64
HG21 VAL E . 12.93 3.17 25.84
HG22 VAL E . 13.09 2.70 24.33
HG23 VAL E . 12.60 4.18 24.66
P PO4 F . -41.21 -10.14 8.60
O1 PO4 F . -41.42 -11.15 7.49
O2 PO4 F . -41.82 -10.66 9.89
O3 PO4 F . -41.86 -8.84 8.21
O4 PO4 F . -39.74 -9.92 8.81
MG MG G . 10.14 11.19 18.05
#